data_8BZP
#
_entry.id   8BZP
#
_cell.length_a   109.797
_cell.length_b   155.376
_cell.length_c   43.960
_cell.angle_alpha   90.000
_cell.angle_beta   90.000
_cell.angle_gamma   90.000
#
_symmetry.space_group_name_H-M   'P 21 21 2'
#
loop_
_entity.id
_entity.type
_entity.pdbx_description
1 polymer 'Mitogen-activated protein kinase 10'
2 non-polymer 2-bromanyl-2,2-bis(fluoranyl)-~{N}-(5-pyridin-4-yl-1,3,4-thiadiazol-2-yl)ethanamide
3 non-polymer 1,2-ETHANEDIOL
4 non-polymer GLYCEROL
5 non-polymer BETA-MERCAPTOETHANOL
6 non-polymer DI(HYDROXYETHYL)ETHER
7 non-polymer N-DODECYL-N,N-DIMETHYL-3-AMMONIO-1-PROPANESULFONATE
8 non-polymer 'CHLORIDE ION'
9 water water
#
_entity_poly.entity_id   1
_entity_poly.type   'polypeptide(L)'
_entity_poly.pdbx_seq_one_letter_code
;MSKSKVDNQFYSVEVGDSTFTVLKRYQNLKPIGSGAQGIVCAAYDAVLDRNVAIKKLSRPFQNQTHAKRAYRELVLMKCV
NHKNIISLLNVFTPQKTLEEFQDVYLVMELMDANLCQVIQMELDHERMSYLLYQMLCGIKHLHSAGIIHRDLKPSNIVVK
SDCTLKILDFGLARTAGTSFMMTPYVVTRYYRAPEVILGMGYKENVDIWSVGCIMGEMVRHKILFPGRDYIDQWNKVIEQ
LGTPCPEFMKKLQPTVRNYVENRPKYAGLTFPKLFPDSLFPADSEHNKLKASQARDLLSKMLVIDPAKRISVDDALQHPY
INVWYDPAEVEAPPPQIYDKQLDEREHTIEEWKELIYKEVMNSE
;
_entity_poly.pdbx_strand_id   A,B
#
loop_
_chem_comp.id
_chem_comp.type
_chem_comp.name
_chem_comp.formula
BME non-polymer BETA-MERCAPTOETHANOL 'C2 H6 O S'
C15 non-polymer N-DODECYL-N,N-DIMETHYL-3-AMMONIO-1-PROPANESULFONATE 'C17 H38 N O3 S 1'
CL non-polymer 'CHLORIDE ION' 'Cl -1'
EDO non-polymer 1,2-ETHANEDIOL 'C2 H6 O2'
GOL non-polymer GLYCEROL 'C3 H8 O3'
PEG non-polymer DI(HYDROXYETHYL)ETHER 'C4 H10 O3'
SWM non-polymer 2-bromanyl-2,2-bis(fluoranyl)-~{N}-(5-pyridin-4-yl-1,3,4-thiadiazol-2-yl)ethanamide 'C9 H5 Br F2 N4 O S'
#
# COMPACT_ATOMS: atom_id res chain seq x y z
N ASN A 8 -0.13 -42.95 -31.53
CA ASN A 8 0.34 -42.39 -30.26
C ASN A 8 -0.57 -41.23 -29.82
N GLN A 9 -1.01 -41.27 -28.58
CA GLN A 9 -1.85 -40.21 -28.05
C GLN A 9 -1.06 -39.04 -27.49
N PHE A 10 0.25 -39.16 -27.35
CA PHE A 10 1.10 -38.14 -26.75
C PHE A 10 1.96 -37.45 -27.81
N TYR A 11 2.47 -36.27 -27.45
CA TYR A 11 3.51 -35.59 -28.20
C TYR A 11 4.42 -34.88 -27.20
N SER A 12 5.62 -34.53 -27.64
CA SER A 12 6.59 -33.91 -26.75
C SER A 12 6.89 -32.49 -27.21
N VAL A 13 7.00 -31.59 -26.25
CA VAL A 13 7.38 -30.20 -26.52
C VAL A 13 8.31 -29.74 -25.41
N GLU A 14 9.37 -29.03 -25.78
CA GLU A 14 10.25 -28.43 -24.79
C GLU A 14 9.66 -27.10 -24.36
N VAL A 15 9.42 -26.92 -23.07
CA VAL A 15 8.81 -25.68 -22.59
C VAL A 15 9.28 -25.41 -21.17
N GLY A 16 9.60 -24.15 -20.89
CA GLY A 16 10.13 -23.78 -19.59
C GLY A 16 11.41 -24.51 -19.25
N ASP A 17 12.26 -24.74 -20.26
CA ASP A 17 13.51 -25.50 -20.13
C ASP A 17 13.29 -26.92 -19.61
N SER A 18 12.15 -27.51 -19.96
CA SER A 18 11.82 -28.88 -19.58
C SER A 18 11.05 -29.53 -20.72
N THR A 19 11.14 -30.85 -20.80
CA THR A 19 10.40 -31.61 -21.81
C THR A 19 9.05 -32.02 -21.24
N PHE A 20 7.98 -31.47 -21.80
CA PHE A 20 6.63 -31.88 -21.50
C PHE A 20 6.21 -32.90 -22.54
N THR A 21 5.75 -34.06 -22.09
CA THR A 21 5.18 -35.09 -22.96
C THR A 21 3.72 -35.26 -22.53
N VAL A 22 2.80 -34.76 -23.35
CA VAL A 22 1.41 -34.59 -22.94
C VAL A 22 0.48 -35.16 -24.01
N LEU A 23 -0.75 -35.40 -23.61
CA LEU A 23 -1.82 -35.80 -24.52
C LEU A 23 -2.04 -34.73 -25.59
N LYS A 24 -2.44 -35.19 -26.79
CA LYS A 24 -2.55 -34.29 -27.92
C LYS A 24 -3.70 -33.31 -27.79
N ARG A 25 -4.65 -33.56 -26.89
CA ARG A 25 -5.70 -32.58 -26.61
C ARG A 25 -5.13 -31.29 -26.04
N TYR A 26 -3.95 -31.34 -25.39
CA TYR A 26 -3.38 -30.16 -24.76
C TYR A 26 -2.43 -29.48 -25.75
N GLN A 27 -2.76 -28.25 -26.12
CA GLN A 27 -2.09 -27.59 -27.24
C GLN A 27 -1.57 -26.22 -26.81
N ASN A 28 -0.53 -25.76 -27.50
CA ASN A 28 0.04 -24.42 -27.32
C ASN A 28 0.49 -24.19 -25.87
N LEU A 29 1.39 -25.05 -25.40
CA LEU A 29 1.82 -24.92 -24.01
C LEU A 29 2.68 -23.68 -23.85
N LYS A 30 2.48 -22.96 -22.74
CA LYS A 30 3.22 -21.73 -22.49
C LYS A 30 3.61 -21.73 -21.02
N PRO A 31 4.88 -21.48 -20.69
CA PRO A 31 5.28 -21.48 -19.27
C PRO A 31 4.56 -20.36 -18.54
N ILE A 32 4.14 -20.66 -17.30
CA ILE A 32 3.55 -19.65 -16.44
C ILE A 32 4.15 -19.69 -15.03
N GLY A 33 4.93 -20.73 -14.71
CA GLY A 33 5.45 -20.82 -13.36
C GLY A 33 6.41 -21.97 -13.19
N SER A 34 7.18 -21.89 -12.10
CA SER A 34 8.17 -22.92 -11.78
C SER A 34 8.39 -22.91 -10.28
N GLY A 35 9.04 -23.96 -9.80
CA GLY A 35 9.30 -24.09 -8.38
C GLY A 35 9.89 -25.46 -8.10
N ALA A 36 10.14 -25.70 -6.81
CA ALA A 36 10.71 -26.98 -6.41
C ALA A 36 9.74 -28.12 -6.68
N GLN A 37 8.44 -27.85 -6.57
CA GLN A 37 7.45 -28.91 -6.78
C GLN A 37 7.34 -29.31 -8.24
N GLY A 38 7.51 -28.37 -9.17
CA GLY A 38 7.34 -28.71 -10.57
C GLY A 38 7.39 -27.48 -11.46
N ILE A 39 7.02 -27.71 -12.72
CA ILE A 39 6.97 -26.70 -13.76
C ILE A 39 5.55 -26.67 -14.28
N VAL A 40 4.99 -25.48 -14.47
CA VAL A 40 3.58 -25.31 -14.81
C VAL A 40 3.47 -24.56 -16.12
N CYS A 41 2.64 -25.09 -17.03
CA CYS A 41 2.31 -24.43 -18.29
C CYS A 41 0.84 -24.13 -18.38
N ALA A 42 0.51 -23.03 -19.05
CA ALA A 42 -0.83 -22.87 -19.56
C ALA A 42 -0.94 -23.62 -20.87
N ALA A 43 -2.12 -24.19 -21.12
CA ALA A 43 -2.37 -24.91 -22.36
C ALA A 43 -3.84 -24.78 -22.73
N TYR A 44 -4.12 -25.03 -23.99
CA TYR A 44 -5.49 -25.11 -24.48
C TYR A 44 -5.88 -26.56 -24.59
N ASP A 45 -7.00 -26.92 -23.96
CA ASP A 45 -7.54 -28.27 -23.98
C ASP A 45 -8.62 -28.32 -25.07
N ALA A 46 -8.30 -28.97 -26.18
CA ALA A 46 -9.19 -28.99 -27.34
C ALA A 46 -10.42 -29.86 -27.09
N VAL A 47 -10.32 -30.86 -26.21
CA VAL A 47 -11.49 -31.67 -25.90
C VAL A 47 -12.54 -30.84 -25.15
N LEU A 48 -12.10 -30.05 -24.16
CA LEU A 48 -13.02 -29.27 -23.35
C LEU A 48 -13.25 -27.86 -23.88
N ASP A 49 -12.50 -27.42 -24.90
CA ASP A 49 -12.52 -26.03 -25.39
C ASP A 49 -12.35 -25.02 -24.23
N ARG A 50 -11.32 -25.24 -23.42
CA ARG A 50 -11.01 -24.29 -22.36
C ARG A 50 -9.53 -24.34 -22.06
N ASN A 51 -9.04 -23.27 -21.46
CA ASN A 51 -7.64 -23.19 -21.06
C ASN A 51 -7.44 -23.88 -19.71
N VAL A 52 -6.32 -24.60 -19.61
CA VAL A 52 -5.98 -25.37 -18.42
C VAL A 52 -4.55 -25.03 -18.06
N ALA A 53 -4.18 -25.42 -16.85
CA ALA A 53 -2.81 -25.38 -16.37
C ALA A 53 -2.32 -26.81 -16.20
N ILE A 54 -1.10 -27.09 -16.67
CA ILE A 54 -0.52 -28.42 -16.58
C ILE A 54 0.74 -28.33 -15.73
N LYS A 55 0.79 -29.08 -14.64
CA LYS A 55 1.95 -29.11 -13.77
C LYS A 55 2.65 -30.46 -13.92
N LYS A 56 3.88 -30.43 -14.41
CA LYS A 56 4.74 -31.61 -14.45
C LYS A 56 5.48 -31.68 -13.13
N LEU A 57 5.24 -32.74 -12.35
CA LEU A 57 5.83 -32.82 -11.02
C LEU A 57 7.34 -32.98 -11.13
N SER A 58 8.08 -32.20 -10.35
CA SER A 58 9.53 -32.20 -10.45
C SER A 58 10.08 -33.33 -9.58
N ARG A 59 10.73 -34.29 -10.22
CA ARG A 59 11.41 -35.44 -9.61
C ARG A 59 10.61 -36.05 -8.45
N PRO A 60 9.39 -36.57 -8.71
CA PRO A 60 8.54 -37.03 -7.61
C PRO A 60 9.10 -38.19 -6.83
N PHE A 61 10.01 -38.95 -7.40
CA PHE A 61 10.58 -40.11 -6.73
C PHE A 61 12.03 -39.91 -6.34
N GLN A 62 12.52 -38.66 -6.36
CA GLN A 62 13.90 -38.39 -5.98
C GLN A 62 14.17 -38.79 -4.52
N ASN A 63 13.17 -38.67 -3.66
CA ASN A 63 13.26 -39.12 -2.26
C ASN A 63 11.86 -39.31 -1.73
N GLN A 64 11.76 -39.72 -0.46
CA GLN A 64 10.47 -40.04 0.14
C GLN A 64 9.65 -38.80 0.45
N THR A 65 10.31 -37.68 0.78
CA THR A 65 9.55 -36.45 1.00
C THR A 65 8.86 -36.00 -0.28
N HIS A 66 9.55 -36.09 -1.42
CA HIS A 66 8.92 -35.75 -2.69
C HIS A 66 7.75 -36.69 -2.99
N ALA A 67 7.96 -37.98 -2.77
CA ALA A 67 6.96 -38.98 -3.11
C ALA A 67 5.73 -38.83 -2.24
N LYS A 68 5.94 -38.63 -0.93
CA LYS A 68 4.82 -38.41 -0.02
C LYS A 68 4.06 -37.15 -0.39
N ARG A 69 4.79 -36.06 -0.73
CA ARG A 69 4.11 -34.82 -1.11
C ARG A 69 3.27 -35.02 -2.37
N ALA A 70 3.82 -35.73 -3.36
CA ALA A 70 3.13 -35.96 -4.62
C ALA A 70 1.86 -36.79 -4.42
N TYR A 71 1.96 -37.88 -3.65
CA TYR A 71 0.81 -38.72 -3.36
C TYR A 71 -0.27 -37.94 -2.63
N ARG A 72 0.12 -37.19 -1.58
CA ARG A 72 -0.87 -36.45 -0.80
C ARG A 72 -1.53 -35.35 -1.62
N GLU A 73 -0.74 -34.66 -2.46
CA GLU A 73 -1.29 -33.63 -3.32
C GLU A 73 -2.30 -34.20 -4.31
N LEU A 74 -1.98 -35.35 -4.91
CA LEU A 74 -2.88 -35.98 -5.86
C LEU A 74 -4.16 -36.46 -5.18
N VAL A 75 -4.03 -37.12 -4.03
CA VAL A 75 -5.19 -37.68 -3.36
C VAL A 75 -6.11 -36.56 -2.87
N LEU A 76 -5.55 -35.50 -2.29
CA LEU A 76 -6.39 -34.44 -1.76
C LEU A 76 -7.01 -33.60 -2.87
N MET A 77 -6.27 -33.34 -3.95
CA MET A 77 -6.84 -32.55 -5.04
C MET A 77 -8.00 -33.29 -5.71
N LYS A 78 -7.96 -34.62 -5.74
CA LYS A 78 -9.10 -35.40 -6.23
C LYS A 78 -10.27 -35.34 -5.27
N CYS A 79 -10.00 -35.48 -3.97
CA CYS A 79 -11.08 -35.73 -3.02
C CYS A 79 -11.80 -34.46 -2.59
N VAL A 80 -11.10 -33.36 -2.56
CA VAL A 80 -11.70 -32.09 -2.17
C VAL A 80 -12.43 -31.51 -3.37
N ASN A 81 -13.63 -31.00 -3.13
CA ASN A 81 -14.42 -30.37 -4.19
C ASN A 81 -14.96 -29.07 -3.61
N HIS A 82 -14.21 -28.00 -3.74
CA HIS A 82 -14.60 -26.74 -3.14
C HIS A 82 -14.12 -25.60 -4.02
N LYS A 83 -14.94 -24.54 -4.10
CA LYS A 83 -14.68 -23.49 -5.08
C LYS A 83 -13.43 -22.68 -4.77
N ASN A 84 -12.95 -22.71 -3.52
CA ASN A 84 -11.75 -21.97 -3.15
C ASN A 84 -10.51 -22.86 -2.99
N ILE A 85 -10.57 -24.10 -3.46
CA ILE A 85 -9.43 -25.01 -3.48
C ILE A 85 -9.26 -25.46 -4.93
N ILE A 86 -8.03 -25.44 -5.44
CA ILE A 86 -7.82 -25.82 -6.85
C ILE A 86 -8.29 -27.26 -7.07
N SER A 87 -8.91 -27.51 -8.23
CA SER A 87 -9.45 -28.82 -8.52
C SER A 87 -8.65 -29.47 -9.63
N LEU A 88 -8.54 -30.79 -9.55
CA LEU A 88 -7.90 -31.59 -10.58
C LEU A 88 -8.89 -31.87 -11.71
N LEU A 89 -8.56 -31.43 -12.93
CA LEU A 89 -9.37 -31.79 -14.10
C LEU A 89 -8.94 -33.11 -14.72
N ASN A 90 -7.66 -33.43 -14.65
CA ASN A 90 -7.14 -34.65 -15.27
C ASN A 90 -5.77 -34.89 -14.68
N VAL A 91 -5.35 -36.15 -14.71
CA VAL A 91 -3.99 -36.53 -14.35
C VAL A 91 -3.56 -37.63 -15.29
N PHE A 92 -2.29 -37.64 -15.67
CA PHE A 92 -1.86 -38.66 -16.60
C PHE A 92 -0.36 -38.86 -16.45
N THR A 93 0.11 -39.97 -17.00
CA THR A 93 1.51 -40.24 -17.24
C THR A 93 1.67 -40.79 -18.66
N PRO A 94 2.72 -40.38 -19.37
CA PRO A 94 2.95 -40.94 -20.69
C PRO A 94 3.56 -42.32 -20.67
N GLN A 95 4.17 -42.74 -19.57
CA GLN A 95 4.75 -44.07 -19.48
C GLN A 95 3.65 -45.12 -19.32
N LYS A 96 3.91 -46.30 -19.87
CA LYS A 96 2.89 -47.32 -20.05
C LYS A 96 2.89 -48.39 -18.96
N THR A 97 3.98 -48.56 -18.22
CA THR A 97 4.06 -49.57 -17.17
C THR A 97 4.52 -48.94 -15.86
N LEU A 98 4.25 -49.64 -14.76
CA LEU A 98 4.79 -49.25 -13.47
C LEU A 98 6.32 -49.29 -13.47
N GLU A 99 6.92 -50.22 -14.23
CA GLU A 99 8.38 -50.29 -14.35
C GLU A 99 8.96 -49.02 -14.97
N GLU A 100 8.35 -48.52 -16.04
CA GLU A 100 8.87 -47.33 -16.71
C GLU A 100 8.35 -46.01 -16.12
N PHE A 101 7.40 -46.06 -15.19
CA PHE A 101 6.71 -44.88 -14.66
C PHE A 101 7.67 -43.91 -13.98
N GLN A 102 7.78 -42.69 -14.52
CA GLN A 102 8.62 -41.64 -13.93
C GLN A 102 7.91 -40.29 -13.77
N ASP A 103 6.98 -39.93 -14.65
CA ASP A 103 6.49 -38.56 -14.74
C ASP A 103 5.00 -38.50 -14.45
N VAL A 104 4.59 -37.46 -13.70
CA VAL A 104 3.20 -37.21 -13.35
C VAL A 104 2.83 -35.80 -13.81
N TYR A 105 1.69 -35.68 -14.49
CA TYR A 105 1.18 -34.40 -14.96
C TYR A 105 -0.18 -34.16 -14.32
N LEU A 106 -0.34 -33.01 -13.68
CA LEU A 106 -1.63 -32.60 -13.11
C LEU A 106 -2.23 -31.53 -14.02
N VAL A 107 -3.51 -31.68 -14.34
CA VAL A 107 -4.21 -30.71 -15.15
C VAL A 107 -5.24 -30.03 -14.26
N MET A 108 -5.16 -28.71 -14.19
CA MET A 108 -6.03 -27.90 -13.34
C MET A 108 -6.70 -26.85 -14.19
N GLU A 109 -7.79 -26.28 -13.69
CA GLU A 109 -8.32 -25.07 -14.30
C GLU A 109 -7.27 -23.96 -14.24
N LEU A 110 -7.18 -23.18 -15.31
CA LEU A 110 -6.19 -22.11 -15.43
C LEU A 110 -6.70 -20.88 -14.69
N MET A 111 -5.92 -20.42 -13.72
CA MET A 111 -6.19 -19.13 -13.08
C MET A 111 -5.27 -18.09 -13.71
N ASP A 112 -5.54 -16.82 -13.40
CA ASP A 112 -4.90 -15.73 -14.15
C ASP A 112 -3.65 -15.17 -13.50
N ALA A 113 -3.50 -15.29 -12.17
CA ALA A 113 -2.37 -14.70 -11.46
C ALA A 113 -2.25 -15.38 -10.12
N ASN A 114 -1.09 -15.24 -9.49
CA ASN A 114 -1.01 -15.67 -8.11
C ASN A 114 -1.23 -14.47 -7.20
N LEU A 115 -1.40 -14.76 -5.92
CA LEU A 115 -1.77 -13.70 -4.98
C LEU A 115 -0.62 -12.73 -4.75
N CYS A 116 0.64 -13.16 -4.95
N CYS A 116 0.63 -13.13 -4.97
CA CYS A 116 1.77 -12.24 -4.88
CA CYS A 116 1.73 -12.18 -4.82
C CYS A 116 1.58 -11.07 -5.82
C CYS A 116 1.62 -11.06 -5.84
N GLN A 117 1.21 -11.38 -7.07
CA GLN A 117 0.97 -10.34 -8.06
C GLN A 117 -0.20 -9.44 -7.65
N VAL A 118 -1.28 -10.06 -7.16
CA VAL A 118 -2.49 -9.31 -6.80
C VAL A 118 -2.22 -8.37 -5.62
N ILE A 119 -1.48 -8.85 -4.61
CA ILE A 119 -1.01 -8.09 -3.44
C ILE A 119 -0.34 -6.78 -3.82
N GLN A 120 0.33 -6.74 -4.97
CA GLN A 120 1.00 -5.54 -5.44
C GLN A 120 0.04 -4.43 -5.87
N MET A 121 -1.23 -4.76 -6.13
CA MET A 121 -2.17 -3.74 -6.58
C MET A 121 -2.60 -2.85 -5.43
N GLU A 122 -3.12 -1.67 -5.78
CA GLU A 122 -3.57 -0.74 -4.76
C GLU A 122 -4.74 -1.31 -4.00
N LEU A 123 -4.72 -1.13 -2.68
CA LEU A 123 -5.70 -1.77 -1.82
C LEU A 123 -7.10 -1.19 -2.06
N ASP A 124 -8.06 -2.08 -2.29
CA ASP A 124 -9.47 -1.71 -2.47
C ASP A 124 -10.30 -2.57 -1.52
N HIS A 125 -11.14 -1.96 -0.68
CA HIS A 125 -11.73 -2.73 0.43
C HIS A 125 -12.64 -3.85 -0.07
N GLU A 126 -13.39 -3.60 -1.15
CA GLU A 126 -14.24 -4.64 -1.71
C GLU A 126 -13.41 -5.84 -2.17
N ARG A 127 -12.32 -5.59 -2.91
CA ARG A 127 -11.46 -6.68 -3.36
C ARG A 127 -10.72 -7.35 -2.19
N MET A 128 -10.11 -6.55 -1.30
N MET A 128 -10.13 -6.57 -1.30
CA MET A 128 -9.37 -7.10 -0.16
CA MET A 128 -9.34 -7.19 -0.22
C MET A 128 -10.24 -8.02 0.69
C MET A 128 -10.23 -8.03 0.70
N SER A 129 -11.42 -7.52 1.08
CA SER A 129 -12.31 -8.30 1.93
C SER A 129 -12.80 -9.56 1.21
N TYR A 130 -13.07 -9.46 -0.09
CA TYR A 130 -13.50 -10.63 -0.86
C TYR A 130 -12.39 -11.68 -0.92
N LEU A 131 -11.15 -11.25 -1.18
CA LEU A 131 -10.05 -12.21 -1.25
C LEU A 131 -9.85 -12.90 0.09
N LEU A 132 -9.88 -12.12 1.16
CA LEU A 132 -9.73 -12.70 2.50
C LEU A 132 -10.88 -13.64 2.85
N TYR A 133 -12.10 -13.25 2.50
CA TYR A 133 -13.27 -14.10 2.73
C TYR A 133 -13.08 -15.45 2.07
N GLN A 134 -12.63 -15.44 0.82
CA GLN A 134 -12.45 -16.69 0.09
C GLN A 134 -11.33 -17.52 0.68
N MET A 135 -10.25 -16.88 1.10
CA MET A 135 -9.19 -17.63 1.78
C MET A 135 -9.72 -18.31 3.02
N LEU A 136 -10.51 -17.58 3.83
CA LEU A 136 -11.07 -18.17 5.05
C LEU A 136 -12.03 -19.30 4.74
N CYS A 137 -12.80 -19.17 3.64
CA CYS A 137 -13.69 -20.25 3.24
C CYS A 137 -12.92 -21.52 2.91
N GLY A 138 -11.87 -21.38 2.09
CA GLY A 138 -11.06 -22.54 1.74
C GLY A 138 -10.37 -23.14 2.95
N ILE A 139 -9.84 -22.30 3.83
CA ILE A 139 -9.17 -22.79 5.03
C ILE A 139 -10.16 -23.53 5.93
N LYS A 140 -11.36 -22.98 6.08
CA LYS A 140 -12.37 -23.64 6.92
C LYS A 140 -12.69 -25.02 6.39
N HIS A 141 -12.77 -25.13 5.07
CA HIS A 141 -13.07 -26.41 4.44
C HIS A 141 -11.94 -27.40 4.64
N LEU A 142 -10.69 -26.98 4.42
CA LEU A 142 -9.54 -27.86 4.71
C LEU A 142 -9.52 -28.28 6.18
N HIS A 143 -9.71 -27.33 7.10
CA HIS A 143 -9.69 -27.67 8.52
C HIS A 143 -10.75 -28.70 8.88
N SER A 144 -11.93 -28.62 8.26
CA SER A 144 -13.00 -29.57 8.61
C SER A 144 -12.65 -31.01 8.22
N ALA A 145 -11.73 -31.20 7.27
CA ALA A 145 -11.21 -32.53 6.94
C ALA A 145 -9.92 -32.87 7.70
N GLY A 146 -9.55 -32.09 8.71
CA GLY A 146 -8.32 -32.34 9.42
C GLY A 146 -7.06 -31.91 8.69
N ILE A 147 -7.18 -31.06 7.67
CA ILE A 147 -6.03 -30.55 6.92
C ILE A 147 -5.68 -29.19 7.51
N ILE A 148 -4.59 -29.15 8.26
N ILE A 148 -4.59 -29.15 8.26
CA ILE A 148 -4.07 -27.91 8.85
CA ILE A 148 -4.07 -27.91 8.85
C ILE A 148 -2.82 -27.56 8.05
C ILE A 148 -2.82 -27.56 8.05
N HIS A 149 -2.89 -26.45 7.31
CA HIS A 149 -1.91 -26.20 6.26
C HIS A 149 -0.51 -25.90 6.80
N ARG A 150 -0.42 -24.91 7.68
CA ARG A 150 0.79 -24.45 8.38
C ARG A 150 1.82 -23.80 7.48
N ASP A 151 1.61 -23.76 6.15
CA ASP A 151 2.55 -23.03 5.28
C ASP A 151 1.80 -22.27 4.20
N LEU A 152 0.70 -21.62 4.54
CA LEU A 152 0.01 -20.83 3.55
C LEU A 152 0.84 -19.59 3.22
N LYS A 153 0.95 -19.26 1.94
CA LYS A 153 1.73 -18.11 1.51
C LYS A 153 1.16 -17.63 0.18
N PRO A 154 1.40 -16.36 -0.18
CA PRO A 154 0.78 -15.80 -1.41
C PRO A 154 1.10 -16.54 -2.70
N SER A 155 2.29 -17.12 -2.81
CA SER A 155 2.66 -17.83 -4.02
C SER A 155 1.88 -19.13 -4.20
N ASN A 156 1.30 -19.68 -3.13
CA ASN A 156 0.51 -20.89 -3.16
C ASN A 156 -0.98 -20.63 -3.35
N ILE A 157 -1.36 -19.40 -3.69
CA ILE A 157 -2.76 -19.01 -3.83
C ILE A 157 -2.90 -18.30 -5.17
N VAL A 158 -3.89 -18.67 -5.98
CA VAL A 158 -4.05 -18.10 -7.30
C VAL A 158 -5.42 -17.47 -7.42
N VAL A 159 -5.52 -16.54 -8.35
CA VAL A 159 -6.67 -15.66 -8.46
C VAL A 159 -7.06 -15.52 -9.93
N LYS A 160 -8.35 -15.47 -10.21
CA LYS A 160 -8.86 -15.14 -11.53
C LYS A 160 -9.10 -13.64 -11.64
N SER A 161 -9.24 -13.16 -12.89
CA SER A 161 -9.45 -11.74 -13.14
C SER A 161 -10.71 -11.21 -12.48
N ASP A 162 -11.70 -12.07 -12.27
CA ASP A 162 -12.89 -11.67 -11.51
C ASP A 162 -12.70 -11.77 -9.99
N CYS A 163 -11.47 -11.90 -9.51
CA CYS A 163 -11.08 -11.97 -8.10
C CYS A 163 -11.51 -13.27 -7.40
N THR A 164 -12.03 -14.25 -8.11
CA THR A 164 -12.20 -15.56 -7.48
C THR A 164 -10.84 -16.17 -7.15
N LEU A 165 -10.79 -16.89 -6.05
CA LEU A 165 -9.52 -17.25 -5.44
C LEU A 165 -9.51 -18.73 -5.13
N LYS A 166 -8.36 -19.38 -5.34
CA LYS A 166 -8.20 -20.80 -5.04
C LYS A 166 -6.85 -21.03 -4.38
N ILE A 167 -6.85 -21.82 -3.34
CA ILE A 167 -5.63 -22.29 -2.68
C ILE A 167 -5.08 -23.46 -3.49
N LEU A 168 -3.77 -23.46 -3.73
CA LEU A 168 -3.17 -24.45 -4.62
C LEU A 168 -2.73 -25.73 -3.96
N ASP A 169 -2.40 -25.71 -2.69
CA ASP A 169 -1.71 -26.85 -2.09
C ASP A 169 -2.24 -27.04 -0.68
N PHE A 170 -1.78 -28.11 -0.03
CA PHE A 170 -2.38 -28.54 1.23
C PHE A 170 -1.40 -28.51 2.40
N GLY A 171 -0.21 -27.95 2.18
CA GLY A 171 0.73 -27.80 3.27
C GLY A 171 1.10 -29.16 3.82
N LEU A 172 1.15 -29.25 5.15
CA LEU A 172 1.45 -30.51 5.82
C LEU A 172 0.24 -31.42 5.96
N ALA A 173 -0.96 -30.92 5.61
CA ALA A 173 -2.18 -31.74 5.44
C ALA A 173 -2.56 -32.36 6.78
N ARG A 174 -2.78 -33.68 6.85
CA ARG A 174 -3.19 -34.35 8.08
C ARG A 174 -2.00 -34.87 8.88
N THR A 175 -0.79 -34.35 8.62
CA THR A 175 0.30 -34.55 9.56
C THR A 175 -0.04 -33.93 10.92
N SER A 179 5.18 -30.13 13.09
CA SER A 179 5.08 -29.23 11.96
C SER A 179 6.46 -28.83 11.44
N PHE A 180 7.36 -29.80 11.37
CA PHE A 180 8.66 -29.59 10.74
C PHE A 180 8.50 -29.65 9.22
N MET A 181 9.17 -28.73 8.52
CA MET A 181 9.08 -28.63 7.07
C MET A 181 10.48 -28.62 6.45
N MET A 182 10.86 -29.75 5.83
CA MET A 182 12.13 -29.86 5.10
C MET A 182 11.92 -29.43 3.65
N THR A 183 12.42 -28.23 3.31
CA THR A 183 12.28 -27.68 1.96
C THR A 183 13.64 -27.25 1.39
N PRO A 184 14.55 -28.21 1.19
CA PRO A 184 15.94 -27.89 0.85
N VAL A 187 13.09 -21.32 -0.11
CA VAL A 187 11.75 -21.35 0.44
C VAL A 187 11.43 -20.03 1.17
N THR A 188 10.14 -19.68 1.22
CA THR A 188 9.62 -18.43 1.77
C THR A 188 8.97 -18.73 3.11
N ARG A 189 9.56 -18.23 4.20
CA ARG A 189 9.09 -18.57 5.54
C ARG A 189 8.42 -17.43 6.28
N TYR A 190 8.19 -16.29 5.64
CA TYR A 190 7.71 -15.07 6.29
C TYR A 190 6.30 -15.16 6.82
N TYR A 191 5.54 -16.19 6.43
CA TYR A 191 4.12 -16.30 6.77
C TYR A 191 3.87 -17.36 7.83
N ARG A 192 4.92 -18.01 8.32
CA ARG A 192 4.76 -19.07 9.31
C ARG A 192 4.49 -18.52 10.71
N ALA A 193 3.62 -19.21 11.43
CA ALA A 193 3.16 -18.74 12.72
C ALA A 193 4.26 -18.85 13.78
N PRO A 194 4.21 -18.01 14.81
CA PRO A 194 5.20 -18.13 15.89
C PRO A 194 5.24 -19.50 16.54
N GLU A 195 4.09 -20.16 16.69
CA GLU A 195 4.11 -21.45 17.36
C GLU A 195 4.71 -22.53 16.47
N VAL A 196 4.73 -22.30 15.16
CA VAL A 196 5.44 -23.20 14.24
C VAL A 196 6.94 -22.95 14.32
N ILE A 197 7.34 -21.68 14.18
CA ILE A 197 8.77 -21.32 14.18
C ILE A 197 9.42 -21.73 15.48
N LEU A 198 8.74 -21.49 16.60
CA LEU A 198 9.30 -21.74 17.91
C LEU A 198 9.11 -23.17 18.37
N GLY A 199 8.47 -24.02 17.58
CA GLY A 199 8.31 -25.43 17.93
C GLY A 199 7.39 -25.73 19.10
N MET A 200 6.27 -25.02 19.20
CA MET A 200 5.36 -25.14 20.32
C MET A 200 4.16 -26.07 20.07
N GLY A 201 4.02 -26.61 18.88
CA GLY A 201 2.76 -27.23 18.50
C GLY A 201 1.79 -26.19 17.98
N TYR A 202 0.64 -26.67 17.52
CA TYR A 202 -0.26 -25.80 16.77
C TYR A 202 -1.69 -26.29 16.93
N LYS A 203 -2.65 -25.40 16.65
CA LYS A 203 -4.04 -25.80 16.50
C LYS A 203 -4.55 -25.25 15.17
N GLU A 204 -5.86 -25.35 14.91
CA GLU A 204 -6.41 -24.85 13.64
C GLU A 204 -6.05 -23.40 13.38
N ASN A 205 -6.03 -22.56 14.42
CA ASN A 205 -5.84 -21.15 14.13
C ASN A 205 -4.37 -20.78 13.83
N VAL A 206 -3.49 -21.78 13.68
CA VAL A 206 -2.15 -21.52 13.13
C VAL A 206 -2.24 -20.87 11.75
N ASP A 207 -3.26 -21.24 10.96
CA ASP A 207 -3.38 -20.68 9.62
C ASP A 207 -3.88 -19.25 9.62
N ILE A 208 -4.48 -18.80 10.74
CA ILE A 208 -4.97 -17.43 10.84
C ILE A 208 -3.79 -16.43 10.86
N TRP A 209 -2.69 -16.81 11.50
CA TRP A 209 -1.50 -15.97 11.48
C TRP A 209 -1.04 -15.70 10.07
N SER A 210 -1.02 -16.74 9.21
CA SER A 210 -0.59 -16.56 7.82
C SER A 210 -1.55 -15.63 7.06
N VAL A 211 -2.86 -15.78 7.26
CA VAL A 211 -3.82 -14.85 6.65
C VAL A 211 -3.55 -13.43 7.12
N GLY A 212 -3.28 -13.26 8.44
CA GLY A 212 -2.95 -11.95 8.96
C GLY A 212 -1.72 -11.35 8.31
N CYS A 213 -0.68 -12.17 8.11
CA CYS A 213 0.52 -11.72 7.39
C CYS A 213 0.22 -11.30 5.96
N ILE A 214 -0.62 -12.06 5.26
CA ILE A 214 -0.99 -11.71 3.88
C ILE A 214 -1.79 -10.43 3.87
N MET A 215 -2.76 -10.30 4.78
CA MET A 215 -3.60 -9.10 4.88
C MET A 215 -2.76 -7.87 5.18
N GLY A 216 -1.84 -7.98 6.14
CA GLY A 216 -0.99 -6.84 6.44
C GLY A 216 -0.10 -6.49 5.27
N GLU A 217 0.34 -7.49 4.51
CA GLU A 217 1.13 -7.21 3.31
C GLU A 217 0.30 -6.55 2.22
N MET A 218 -0.98 -6.89 2.10
CA MET A 218 -1.86 -6.19 1.14
C MET A 218 -1.98 -4.71 1.47
N VAL A 219 -1.95 -4.37 2.75
CA VAL A 219 -2.10 -3.00 3.19
C VAL A 219 -0.77 -2.25 3.07
N ARG A 220 0.33 -2.86 3.52
CA ARG A 220 1.60 -2.13 3.54
C ARG A 220 2.35 -2.23 2.24
N HIS A 221 2.01 -3.20 1.38
N HIS A 221 2.01 -3.20 1.38
CA HIS A 221 2.79 -3.54 0.19
CA HIS A 221 2.79 -3.54 0.19
C HIS A 221 4.26 -3.78 0.55
C HIS A 221 4.26 -3.78 0.55
N LYS A 222 4.47 -4.35 1.72
CA LYS A 222 5.78 -4.78 2.19
C LYS A 222 5.55 -6.05 2.98
N ILE A 223 6.54 -6.95 2.97
CA ILE A 223 6.47 -8.13 3.80
C ILE A 223 6.50 -7.71 5.27
N LEU A 224 5.61 -8.28 6.07
CA LEU A 224 5.47 -7.86 7.46
C LEU A 224 6.69 -8.26 8.28
N PHE A 225 7.13 -9.50 8.16
CA PHE A 225 8.20 -10.05 8.98
C PHE A 225 9.27 -10.66 8.09
N PRO A 226 10.01 -9.82 7.34
CA PRO A 226 10.99 -10.37 6.42
C PRO A 226 12.25 -10.69 7.21
N GLY A 227 13.29 -11.08 6.53
CA GLY A 227 14.52 -11.40 7.24
C GLY A 227 15.10 -12.71 6.76
N ARG A 228 16.41 -12.84 6.93
CA ARG A 228 17.18 -13.91 6.30
C ARG A 228 16.97 -15.27 6.96
N ASP A 229 16.51 -15.31 8.20
CA ASP A 229 16.34 -16.55 8.93
C ASP A 229 15.30 -16.33 10.04
N TYR A 230 15.03 -17.37 10.82
CA TYR A 230 14.00 -17.25 11.85
C TYR A 230 14.42 -16.30 12.97
N ILE A 231 15.74 -16.20 13.25
CA ILE A 231 16.23 -15.25 14.25
C ILE A 231 15.86 -13.83 13.85
N ASP A 232 16.16 -13.47 12.61
CA ASP A 232 15.79 -12.15 12.12
C ASP A 232 14.28 -11.98 12.11
N GLN A 233 13.56 -13.01 11.68
CA GLN A 233 12.11 -12.93 11.60
C GLN A 233 11.48 -12.70 12.97
N TRP A 234 11.94 -13.42 14.00
CA TRP A 234 11.41 -13.21 15.34
C TRP A 234 11.68 -11.81 15.84
N ASN A 235 12.87 -11.26 15.56
CA ASN A 235 13.17 -9.88 15.93
C ASN A 235 12.15 -8.91 15.33
N LYS A 236 11.77 -9.11 14.05
CA LYS A 236 10.75 -8.27 13.41
C LYS A 236 9.39 -8.43 14.06
N VAL A 237 9.08 -9.65 14.50
CA VAL A 237 7.81 -9.90 15.18
C VAL A 237 7.73 -9.13 16.49
N ILE A 238 8.77 -9.25 17.35
CA ILE A 238 8.66 -8.60 18.65
C ILE A 238 8.83 -7.10 18.55
N GLU A 239 9.63 -6.60 17.60
CA GLU A 239 9.76 -5.16 17.42
C GLU A 239 8.42 -4.54 17.08
N GLN A 240 7.62 -5.23 16.29
CA GLN A 240 6.38 -4.63 15.83
C GLN A 240 5.21 -4.96 16.76
N LEU A 241 5.10 -6.21 17.21
CA LEU A 241 3.97 -6.64 18.01
C LEU A 241 4.24 -6.62 19.50
N GLY A 242 5.50 -6.56 19.93
CA GLY A 242 5.76 -6.56 21.35
C GLY A 242 6.19 -7.93 21.85
N THR A 243 7.01 -7.92 22.89
CA THR A 243 7.40 -9.13 23.60
C THR A 243 6.16 -9.85 24.12
N PRO A 244 6.02 -11.16 23.89
CA PRO A 244 4.81 -11.86 24.33
C PRO A 244 4.77 -12.02 25.85
N CYS A 245 3.58 -12.38 26.33
N CYS A 245 3.58 -12.37 26.33
CA CYS A 245 3.31 -12.51 27.75
CA CYS A 245 3.34 -12.48 27.76
C CYS A 245 4.08 -13.70 28.35
C CYS A 245 4.05 -13.69 28.34
N PRO A 246 4.38 -13.67 29.64
CA PRO A 246 5.00 -14.85 30.28
C PRO A 246 4.11 -16.09 30.28
N GLU A 247 2.79 -15.94 30.13
CA GLU A 247 1.91 -17.08 29.92
C GLU A 247 2.23 -17.82 28.62
N PHE A 248 2.91 -17.16 27.67
CA PHE A 248 3.37 -17.73 26.41
C PHE A 248 4.78 -18.29 26.52
N MET A 249 5.70 -17.55 27.15
CA MET A 249 7.00 -18.11 27.47
C MET A 249 6.87 -19.35 28.36
N LYS A 250 5.82 -19.42 29.19
CA LYS A 250 5.59 -20.61 29.99
C LYS A 250 5.23 -21.80 29.11
N LYS A 251 4.30 -21.60 28.17
CA LYS A 251 3.97 -22.65 27.22
C LYS A 251 5.12 -22.95 26.27
N LEU A 252 6.14 -22.08 26.24
CA LEU A 252 7.30 -22.21 25.39
C LEU A 252 8.26 -23.23 25.98
N GLN A 253 9.17 -23.71 25.14
CA GLN A 253 10.15 -24.70 25.56
C GLN A 253 11.08 -24.08 26.61
N PRO A 254 11.40 -24.81 27.68
CA PRO A 254 12.37 -24.28 28.66
C PRO A 254 13.75 -23.94 28.09
N THR A 255 14.16 -24.55 26.98
CA THR A 255 15.42 -24.16 26.35
C THR A 255 15.26 -22.95 25.44
N VAL A 256 14.26 -22.96 24.56
CA VAL A 256 14.18 -21.86 23.60
C VAL A 256 13.68 -20.59 24.28
N ARG A 257 13.02 -20.75 25.44
CA ARG A 257 12.62 -19.61 26.26
C ARG A 257 13.81 -18.73 26.59
N ASN A 258 14.98 -19.34 26.83
CA ASN A 258 16.13 -18.57 27.28
C ASN A 258 16.52 -17.50 26.26
N TYR A 259 16.61 -17.87 24.97
CA TYR A 259 16.89 -16.87 23.95
C TYR A 259 15.77 -15.84 23.85
N VAL A 260 14.51 -16.30 23.84
CA VAL A 260 13.36 -15.41 23.65
C VAL A 260 13.22 -14.46 24.84
N GLU A 261 13.37 -14.99 26.07
CA GLU A 261 13.28 -14.16 27.27
C GLU A 261 14.43 -13.19 27.41
N ASN A 262 15.57 -13.50 26.80
CA ASN A 262 16.73 -12.62 26.91
C ASN A 262 16.85 -11.65 25.75
N ARG A 263 15.89 -11.65 24.82
CA ARG A 263 15.82 -10.61 23.81
C ARG A 263 15.49 -9.28 24.47
N PRO A 264 15.81 -8.16 23.82
CA PRO A 264 15.33 -6.86 24.35
C PRO A 264 13.81 -6.86 24.44
N LYS A 265 13.30 -6.21 25.48
CA LYS A 265 11.86 -6.15 25.65
C LYS A 265 11.31 -5.03 24.79
N TYR A 266 10.23 -5.31 24.07
CA TYR A 266 9.54 -4.32 23.26
C TYR A 266 8.10 -4.20 23.73
N ALA A 267 7.63 -2.94 23.83
CA ALA A 267 6.20 -2.71 24.01
C ALA A 267 5.43 -3.10 22.76
N GLY A 268 6.04 -2.97 21.61
CA GLY A 268 5.26 -3.17 20.39
C GLY A 268 4.61 -1.88 19.96
N LEU A 269 4.42 -1.76 18.65
CA LEU A 269 3.68 -0.62 18.16
C LEU A 269 2.21 -0.98 18.22
N THR A 270 1.38 0.00 18.53
CA THR A 270 -0.05 -0.21 18.39
C THR A 270 -0.38 -0.52 16.94
N PHE A 271 -1.49 -1.22 16.75
CA PHE A 271 -1.95 -1.42 15.39
C PHE A 271 -2.27 -0.13 14.63
N PRO A 272 -2.72 0.97 15.26
CA PRO A 272 -2.76 2.25 14.51
C PRO A 272 -1.41 2.70 14.00
N LYS A 273 -0.32 2.40 14.69
CA LYS A 273 1.00 2.77 14.21
C LYS A 273 1.56 1.76 13.22
N LEU A 274 1.27 0.46 13.41
CA LEU A 274 1.66 -0.57 12.46
C LEU A 274 0.97 -0.40 11.11
N PHE A 275 -0.31 -0.05 11.14
CA PHE A 275 -1.12 0.10 9.93
C PHE A 275 -1.84 1.44 9.96
N PRO A 276 -1.11 2.54 9.74
CA PRO A 276 -1.71 3.86 9.93
C PRO A 276 -2.71 4.17 8.82
N ASP A 277 -3.50 5.23 9.06
CA ASP A 277 -4.52 5.66 8.12
C ASP A 277 -3.93 6.01 6.76
N SER A 278 -2.64 6.39 6.73
CA SER A 278 -1.95 6.70 5.48
C SER A 278 -1.95 5.55 4.48
N LEU A 279 -2.09 4.30 4.95
CA LEU A 279 -2.09 3.14 4.06
C LEU A 279 -3.45 2.83 3.45
N PHE A 280 -4.52 3.45 3.92
CA PHE A 280 -5.87 3.05 3.52
C PHE A 280 -6.50 4.12 2.63
N PRO A 281 -7.42 3.74 1.74
CA PRO A 281 -8.17 4.74 0.96
C PRO A 281 -8.80 5.75 1.89
N ALA A 282 -8.79 7.01 1.50
CA ALA A 282 -9.18 8.06 2.42
C ALA A 282 -10.36 8.85 1.88
N ASP A 283 -10.85 9.78 2.70
CA ASP A 283 -11.79 10.84 2.32
C ASP A 283 -13.12 10.32 1.74
N SER A 284 -13.65 9.26 2.34
CA SER A 284 -15.08 9.02 2.35
C SER A 284 -15.40 8.41 3.70
N GLU A 285 -16.65 8.58 4.12
CA GLU A 285 -17.08 8.00 5.38
C GLU A 285 -17.01 6.48 5.31
N HIS A 286 -17.36 5.91 4.16
CA HIS A 286 -17.26 4.47 3.97
C HIS A 286 -15.82 4.00 4.11
N ASN A 287 -14.88 4.75 3.54
CA ASN A 287 -13.49 4.34 3.65
C ASN A 287 -12.95 4.49 5.07
N LYS A 288 -13.42 5.50 5.81
CA LYS A 288 -13.02 5.63 7.21
C LYS A 288 -13.55 4.47 8.04
N LEU A 289 -14.79 4.07 7.78
CA LEU A 289 -15.34 2.90 8.46
C LEU A 289 -14.50 1.67 8.16
N LYS A 290 -14.18 1.46 6.88
CA LYS A 290 -13.51 0.21 6.52
C LYS A 290 -12.07 0.16 7.00
N ALA A 291 -11.38 1.30 7.12
CA ALA A 291 -10.02 1.28 7.65
C ALA A 291 -10.01 0.78 9.10
N SER A 292 -10.94 1.30 9.92
CA SER A 292 -11.05 0.86 11.31
C SER A 292 -11.39 -0.62 11.41
N GLN A 293 -12.30 -1.12 10.55
N GLN A 293 -12.33 -1.10 10.56
CA GLN A 293 -12.64 -2.54 10.62
CA GLN A 293 -12.70 -2.51 10.53
C GLN A 293 -11.49 -3.42 10.16
C GLN A 293 -11.50 -3.39 10.15
N ALA A 294 -10.76 -3.00 9.12
CA ALA A 294 -9.64 -3.79 8.63
C ALA A 294 -8.55 -3.86 9.69
N ARG A 295 -8.26 -2.73 10.33
CA ARG A 295 -7.24 -2.71 11.37
C ARG A 295 -7.68 -3.55 12.57
N ASP A 296 -8.98 -3.52 12.89
CA ASP A 296 -9.47 -4.34 13.99
C ASP A 296 -9.27 -5.82 13.71
N LEU A 297 -9.59 -6.26 12.50
CA LEU A 297 -9.38 -7.67 12.16
C LEU A 297 -7.90 -8.05 12.17
N LEU A 298 -7.03 -7.17 11.64
CA LEU A 298 -5.59 -7.42 11.70
C LEU A 298 -5.13 -7.60 13.14
N SER A 299 -5.66 -6.76 14.06
CA SER A 299 -5.28 -6.81 15.47
C SER A 299 -5.71 -8.10 16.15
N LYS A 300 -6.63 -8.83 15.55
CA LYS A 300 -7.11 -10.07 16.12
C LYS A 300 -6.50 -11.29 15.45
N MET A 301 -5.94 -11.13 14.25
CA MET A 301 -5.23 -12.21 13.58
C MET A 301 -3.74 -12.21 13.88
N LEU A 302 -3.13 -11.03 13.95
CA LEU A 302 -1.68 -10.92 14.18
C LEU A 302 -1.42 -10.87 15.69
N VAL A 303 -1.65 -12.02 16.31
CA VAL A 303 -1.55 -12.21 17.74
C VAL A 303 -0.57 -13.37 17.97
N ILE A 304 0.52 -13.09 18.70
CA ILE A 304 1.59 -14.09 18.83
C ILE A 304 1.07 -15.35 19.50
N ASP A 305 0.32 -15.17 20.59
CA ASP A 305 -0.14 -16.29 21.39
C ASP A 305 -1.39 -16.85 20.72
N PRO A 306 -1.34 -18.08 20.17
CA PRO A 306 -2.52 -18.63 19.50
C PRO A 306 -3.71 -18.81 20.43
N ALA A 307 -3.49 -18.93 21.75
CA ALA A 307 -4.59 -18.93 22.71
C ALA A 307 -5.41 -17.64 22.67
N LYS A 308 -4.83 -16.54 22.20
CA LYS A 308 -5.54 -15.26 22.14
C LYS A 308 -5.89 -14.85 20.73
N ARG A 309 -5.60 -15.70 19.75
CA ARG A 309 -5.76 -15.36 18.34
C ARG A 309 -7.15 -15.78 17.88
N ILE A 310 -7.78 -14.92 17.08
CA ILE A 310 -9.10 -15.25 16.54
C ILE A 310 -9.11 -16.56 15.71
N SER A 311 -10.23 -17.29 15.77
CA SER A 311 -10.43 -18.50 14.99
C SER A 311 -10.91 -18.19 13.57
N VAL A 312 -10.85 -19.20 12.70
CA VAL A 312 -11.40 -19.04 11.35
C VAL A 312 -12.89 -18.74 11.40
N ASP A 313 -13.64 -19.48 12.21
CA ASP A 313 -15.09 -19.27 12.27
C ASP A 313 -15.42 -17.86 12.74
N ASP A 314 -14.68 -17.35 13.73
CA ASP A 314 -14.96 -16.00 14.21
C ASP A 314 -14.47 -14.94 13.22
N ALA A 315 -13.37 -15.19 12.49
CA ALA A 315 -12.97 -14.23 11.46
C ALA A 315 -14.05 -14.09 10.39
N LEU A 316 -14.74 -15.19 10.06
CA LEU A 316 -15.83 -15.13 9.10
C LEU A 316 -17.04 -14.35 9.62
N GLN A 317 -17.22 -14.25 10.94
CA GLN A 317 -18.22 -13.39 11.55
C GLN A 317 -17.77 -11.94 11.70
N HIS A 318 -16.49 -11.63 11.49
CA HIS A 318 -16.03 -10.26 11.68
C HIS A 318 -16.67 -9.34 10.65
N PRO A 319 -17.06 -8.12 11.03
CA PRO A 319 -17.78 -7.24 10.09
C PRO A 319 -17.04 -6.96 8.79
N TYR A 320 -15.70 -6.97 8.80
CA TYR A 320 -14.95 -6.72 7.56
C TYR A 320 -15.14 -7.83 6.54
N ILE A 321 -15.33 -9.06 7.01
CA ILE A 321 -15.43 -10.25 6.16
C ILE A 321 -16.89 -10.66 5.95
N ASN A 322 -17.70 -10.55 7.02
CA ASN A 322 -19.03 -11.16 7.05
C ASN A 322 -19.97 -10.57 6.01
N VAL A 323 -19.65 -9.39 5.45
CA VAL A 323 -20.50 -8.83 4.38
C VAL A 323 -20.65 -9.84 3.24
N TRP A 324 -19.63 -10.68 3.02
CA TRP A 324 -19.62 -11.65 1.93
C TRP A 324 -20.28 -12.99 2.28
N TYR A 325 -20.59 -13.24 3.55
CA TYR A 325 -20.92 -14.59 4.00
C TYR A 325 -22.16 -15.13 3.29
N ASP A 326 -22.00 -16.31 2.68
CA ASP A 326 -23.06 -17.09 2.08
C ASP A 326 -22.94 -18.48 2.69
N PRO A 327 -23.96 -18.98 3.40
CA PRO A 327 -23.85 -20.34 3.97
C PRO A 327 -23.54 -21.43 2.96
N ALA A 328 -24.00 -21.28 1.71
CA ALA A 328 -23.71 -22.29 0.69
C ALA A 328 -22.22 -22.39 0.38
N GLU A 329 -21.48 -21.31 0.58
CA GLU A 329 -20.04 -21.34 0.36
C GLU A 329 -19.27 -21.73 1.61
N VAL A 330 -19.73 -21.28 2.77
CA VAL A 330 -18.97 -21.43 4.01
C VAL A 330 -19.23 -22.80 4.65
N GLU A 331 -20.45 -23.29 4.57
CA GLU A 331 -20.88 -24.44 5.36
C GLU A 331 -21.07 -25.70 4.51
N ALA A 332 -20.18 -25.91 3.54
CA ALA A 332 -20.20 -27.11 2.72
C ALA A 332 -19.76 -28.34 3.52
N PRO A 333 -20.26 -29.53 3.18
CA PRO A 333 -19.94 -30.71 3.98
C PRO A 333 -18.47 -31.06 3.89
N PRO A 334 -17.87 -31.56 4.96
CA PRO A 334 -16.43 -31.83 4.98
C PRO A 334 -16.09 -33.01 4.07
N PRO A 335 -14.95 -32.96 3.38
CA PRO A 335 -14.51 -34.13 2.61
C PRO A 335 -14.22 -35.30 3.53
N GLN A 336 -14.63 -36.50 3.12
CA GLN A 336 -14.35 -37.73 3.84
C GLN A 336 -13.10 -38.36 3.23
N ILE A 337 -11.98 -38.26 3.93
CA ILE A 337 -10.74 -38.89 3.50
C ILE A 337 -10.76 -40.31 4.05
N TYR A 338 -11.26 -41.23 3.24
CA TYR A 338 -11.28 -42.63 3.66
C TYR A 338 -9.88 -43.22 3.75
N ASP A 339 -8.93 -42.67 2.98
CA ASP A 339 -7.55 -43.15 3.00
C ASP A 339 -6.86 -42.73 4.28
N LYS A 340 -7.19 -43.39 5.39
CA LYS A 340 -6.46 -43.14 6.63
C LYS A 340 -5.03 -43.69 6.51
N GLN A 341 -4.21 -43.33 7.49
CA GLN A 341 -2.74 -43.47 7.53
C GLN A 341 -2.05 -42.55 6.53
N LEU A 342 -2.80 -41.76 5.75
CA LEU A 342 -2.20 -40.68 4.97
C LEU A 342 -1.56 -39.66 5.90
N ASP A 343 -0.36 -39.19 5.52
CA ASP A 343 0.49 -38.23 6.23
C ASP A 343 1.08 -38.81 7.52
N GLU A 344 0.76 -40.05 7.87
CA GLU A 344 1.41 -40.75 8.96
C GLU A 344 2.26 -41.90 8.46
N ARG A 345 1.69 -42.78 7.64
CA ARG A 345 2.41 -43.94 7.16
C ARG A 345 3.59 -43.53 6.28
N GLU A 346 4.70 -44.22 6.46
CA GLU A 346 5.87 -44.08 5.62
C GLU A 346 5.99 -45.30 4.71
N HIS A 347 6.66 -45.11 3.59
CA HIS A 347 6.81 -46.18 2.61
C HIS A 347 8.15 -46.00 1.95
N THR A 348 8.68 -47.08 1.38
CA THR A 348 9.82 -46.95 0.50
C THR A 348 9.42 -46.16 -0.74
N ILE A 349 10.43 -45.72 -1.49
CA ILE A 349 10.16 -45.00 -2.73
C ILE A 349 9.40 -45.89 -3.71
N GLU A 350 9.78 -47.17 -3.81
CA GLU A 350 9.07 -48.09 -4.69
C GLU A 350 7.62 -48.28 -4.28
N GLU A 351 7.35 -48.26 -2.96
CA GLU A 351 5.98 -48.38 -2.49
C GLU A 351 5.17 -47.12 -2.76
N TRP A 352 5.77 -45.93 -2.55
CA TRP A 352 5.09 -44.70 -2.93
C TRP A 352 4.82 -44.67 -4.43
N LYS A 353 5.76 -45.14 -5.24
CA LYS A 353 5.61 -45.12 -6.68
C LYS A 353 4.40 -45.94 -7.12
N GLU A 354 4.25 -47.14 -6.56
CA GLU A 354 3.08 -47.97 -6.88
C GLU A 354 1.79 -47.32 -6.40
N LEU A 355 1.81 -46.71 -5.21
CA LEU A 355 0.64 -45.99 -4.71
C LEU A 355 0.28 -44.83 -5.63
N ILE A 356 1.28 -44.08 -6.10
CA ILE A 356 0.99 -42.95 -6.98
C ILE A 356 0.51 -43.44 -8.34
N TYR A 357 1.13 -44.49 -8.88
CA TYR A 357 0.74 -45.03 -10.18
C TYR A 357 -0.71 -45.50 -10.18
N LYS A 358 -1.16 -46.15 -9.11
CA LYS A 358 -2.56 -46.57 -8.99
C LYS A 358 -3.49 -45.37 -8.97
N GLU A 359 -3.07 -44.28 -8.31
CA GLU A 359 -3.88 -43.09 -8.23
C GLU A 359 -3.96 -42.39 -9.58
N VAL A 360 -2.85 -42.40 -10.33
CA VAL A 360 -2.86 -41.80 -11.66
C VAL A 360 -3.79 -42.59 -12.59
N MET A 361 -3.73 -43.92 -12.53
CA MET A 361 -4.57 -44.77 -13.36
C MET A 361 -6.03 -44.80 -12.94
N ASN A 362 -6.38 -44.21 -11.80
CA ASN A 362 -7.72 -44.17 -11.22
C ASN A 362 -8.18 -45.56 -10.85
N GLN B 9 -8.56 51.28 16.18
CA GLN B 9 -8.24 52.44 15.36
C GLN B 9 -7.73 52.00 14.00
N PHE B 10 -8.38 52.48 12.94
CA PHE B 10 -8.17 51.95 11.60
C PHE B 10 -7.89 53.09 10.62
N TYR B 11 -7.36 52.74 9.45
CA TYR B 11 -7.20 53.69 8.36
C TYR B 11 -7.27 52.93 7.04
N SER B 12 -7.45 53.68 5.95
CA SER B 12 -7.74 53.09 4.64
C SER B 12 -6.71 53.51 3.59
N VAL B 13 -6.37 52.57 2.70
CA VAL B 13 -5.48 52.83 1.58
C VAL B 13 -6.10 52.25 0.31
N GLU B 14 -5.57 52.66 -0.84
CA GLU B 14 -6.04 52.21 -2.15
C GLU B 14 -5.08 51.16 -2.70
N VAL B 15 -5.60 49.96 -2.95
CA VAL B 15 -4.78 48.87 -3.48
C VAL B 15 -5.55 48.11 -4.57
N SER B 18 -9.86 46.86 -3.93
CA SER B 18 -9.29 48.17 -4.21
C SER B 18 -8.92 48.91 -2.93
N THR B 19 -9.73 48.76 -1.88
CA THR B 19 -9.55 49.50 -0.63
C THR B 19 -9.22 48.54 0.50
N PHE B 20 -8.09 48.78 1.17
CA PHE B 20 -7.75 48.07 2.40
C PHE B 20 -7.99 48.98 3.59
N THR B 21 -8.78 48.51 4.56
CA THR B 21 -9.01 49.25 5.79
C THR B 21 -8.37 48.47 6.94
N VAL B 22 -7.26 48.97 7.44
CA VAL B 22 -6.39 48.21 8.34
C VAL B 22 -6.09 48.99 9.60
N LEU B 23 -5.65 48.25 10.62
CA LEU B 23 -5.20 48.83 11.88
C LEU B 23 -3.98 49.70 11.65
N LYS B 24 -3.86 50.76 12.45
CA LYS B 24 -2.79 51.74 12.26
C LYS B 24 -1.40 51.15 12.50
N ARG B 25 -1.30 50.02 13.20
CA ARG B 25 0.01 49.38 13.39
C ARG B 25 0.61 48.88 12.07
N TYR B 26 -0.22 48.62 11.06
CA TYR B 26 0.26 48.16 9.77
C TYR B 26 0.47 49.36 8.86
N GLN B 27 1.67 49.47 8.28
CA GLN B 27 2.06 50.67 7.56
C GLN B 27 2.74 50.28 6.25
N ASN B 28 2.78 51.25 5.32
CA ASN B 28 3.48 51.15 4.04
C ASN B 28 3.02 49.92 3.25
N LEU B 29 1.71 49.83 3.07
CA LEU B 29 1.11 48.64 2.49
C LEU B 29 1.38 48.59 0.99
N LYS B 30 1.89 47.46 0.52
CA LYS B 30 2.30 47.31 -0.87
C LYS B 30 1.74 46.00 -1.41
N PRO B 31 0.92 46.02 -2.45
CA PRO B 31 0.29 44.78 -2.95
C PRO B 31 1.32 43.78 -3.47
N ILE B 32 1.29 42.59 -2.88
CA ILE B 32 2.19 41.51 -3.25
C ILE B 32 1.42 40.37 -3.88
N GLN B 37 -7.45 33.89 -3.05
CA GLN B 37 -8.69 33.97 -2.29
C GLN B 37 -9.05 35.41 -1.98
N GLY B 38 -8.29 36.35 -2.54
CA GLY B 38 -8.47 37.76 -2.22
C GLY B 38 -7.23 38.56 -2.59
N ILE B 39 -7.09 39.70 -1.94
CA ILE B 39 -6.04 40.68 -2.23
C ILE B 39 -5.04 40.66 -1.07
N VAL B 40 -3.75 40.63 -1.40
CA VAL B 40 -2.68 40.50 -0.41
C VAL B 40 -1.73 41.68 -0.54
N CYS B 41 -1.38 42.26 0.61
N CYS B 41 -1.35 42.25 0.60
CA CYS B 41 -0.38 43.32 0.70
CA CYS B 41 -0.33 43.27 0.59
C CYS B 41 0.69 42.93 1.73
C CYS B 41 0.66 43.02 1.72
N ALA B 42 1.91 43.39 1.48
CA ALA B 42 2.94 43.37 2.49
C ALA B 42 2.87 44.66 3.28
N ALA B 43 3.19 44.58 4.56
CA ALA B 43 3.08 45.75 5.42
C ALA B 43 4.08 45.63 6.57
N TYR B 44 4.34 46.76 7.22
CA TYR B 44 5.20 46.78 8.38
C TYR B 44 4.35 46.91 9.63
N ASP B 45 4.53 45.97 10.58
CA ASP B 45 3.82 46.01 11.86
C ASP B 45 4.70 46.74 12.86
N ALA B 46 4.33 47.98 13.19
CA ALA B 46 5.11 48.76 14.14
C ALA B 46 4.98 48.23 15.57
N VAL B 47 3.93 47.48 15.87
CA VAL B 47 3.81 46.90 17.21
C VAL B 47 4.86 45.82 17.42
N LEU B 48 5.12 45.02 16.39
CA LEU B 48 6.05 43.90 16.47
C LEU B 48 7.41 44.15 15.81
N ASP B 49 7.57 45.26 15.08
CA ASP B 49 8.79 45.56 14.30
C ASP B 49 9.13 44.41 13.34
N ARG B 50 8.11 43.88 12.67
CA ARG B 50 8.27 42.81 11.70
C ARG B 50 7.45 43.15 10.46
N ASN B 51 7.94 42.73 9.29
CA ASN B 51 7.15 42.82 8.07
C ASN B 51 6.14 41.68 8.03
N VAL B 52 4.91 41.99 7.60
CA VAL B 52 3.83 41.02 7.58
C VAL B 52 3.17 41.01 6.21
N ALA B 53 2.41 39.94 5.96
CA ALA B 53 1.50 39.83 4.83
C ALA B 53 0.08 39.97 5.34
N ILE B 54 -0.73 40.76 4.63
CA ILE B 54 -2.10 41.03 5.02
C ILE B 54 -3.01 40.65 3.85
N LYS B 55 -3.86 39.66 4.05
CA LYS B 55 -4.80 39.18 3.05
C LYS B 55 -6.20 39.66 3.42
N LYS B 56 -6.87 40.31 2.48
CA LYS B 56 -8.23 40.76 2.70
C LYS B 56 -9.20 39.78 2.05
N LEU B 57 -10.07 39.19 2.87
CA LEU B 57 -11.17 38.37 2.37
C LEU B 57 -12.41 39.25 2.32
N SER B 58 -12.93 39.49 1.13
CA SER B 58 -14.05 40.39 0.95
C SER B 58 -15.33 39.57 0.91
N ARG B 59 -16.23 39.81 1.87
CA ARG B 59 -17.47 39.08 2.07
C ARG B 59 -17.28 37.58 1.91
N PRO B 60 -16.45 36.96 2.77
CA PRO B 60 -16.13 35.54 2.55
C PRO B 60 -17.31 34.62 2.70
N PHE B 61 -18.41 35.08 3.29
CA PHE B 61 -19.63 34.29 3.44
C PHE B 61 -20.57 34.44 2.25
N GLN B 62 -20.10 34.96 1.12
CA GLN B 62 -20.98 35.32 0.01
C GLN B 62 -21.67 34.13 -0.62
N ASN B 63 -21.03 32.96 -0.60
CA ASN B 63 -21.67 31.73 -1.06
C ASN B 63 -21.04 30.58 -0.29
N GLN B 64 -21.63 29.39 -0.48
CA GLN B 64 -21.18 28.22 0.27
C GLN B 64 -19.73 27.88 -0.04
N THR B 65 -19.29 28.06 -1.29
CA THR B 65 -17.92 27.70 -1.68
C THR B 65 -16.89 28.61 -1.02
N HIS B 66 -17.07 29.93 -1.13
CA HIS B 66 -16.14 30.87 -0.49
C HIS B 66 -16.13 30.69 1.01
N ALA B 67 -17.32 30.50 1.60
CA ALA B 67 -17.45 30.46 3.06
C ALA B 67 -16.83 29.21 3.65
N LYS B 68 -17.04 28.05 3.01
CA LYS B 68 -16.40 26.81 3.46
C LYS B 68 -14.88 26.96 3.46
N ARG B 69 -14.31 27.48 2.37
CA ARG B 69 -12.87 27.64 2.28
C ARG B 69 -12.37 28.63 3.31
N ALA B 70 -13.05 29.78 3.44
CA ALA B 70 -12.61 30.79 4.39
C ALA B 70 -12.72 30.30 5.83
N TYR B 71 -13.82 29.63 6.18
CA TYR B 71 -13.99 29.15 7.55
C TYR B 71 -12.91 28.14 7.89
N ARG B 72 -12.68 27.20 6.97
CA ARG B 72 -11.70 26.14 7.16
C ARG B 72 -10.28 26.70 7.24
N GLU B 73 -9.95 27.63 6.34
CA GLU B 73 -8.64 28.27 6.38
C GLU B 73 -8.43 29.00 7.71
N LEU B 74 -9.48 29.66 8.20
CA LEU B 74 -9.33 30.40 9.45
C LEU B 74 -9.25 29.49 10.66
N VAL B 75 -10.10 28.45 10.73
CA VAL B 75 -10.05 27.52 11.85
C VAL B 75 -8.73 26.74 11.87
N LEU B 76 -8.31 26.24 10.70
CA LEU B 76 -7.10 25.42 10.65
C LEU B 76 -5.87 26.25 10.94
N MET B 77 -5.80 27.49 10.43
CA MET B 77 -4.63 28.32 10.70
C MET B 77 -4.54 28.70 12.16
N LYS B 78 -5.68 28.84 12.85
CA LYS B 78 -5.63 29.08 14.28
C LYS B 78 -5.25 27.81 15.03
N CYS B 79 -5.73 26.66 14.59
CA CYS B 79 -5.50 25.44 15.35
C CYS B 79 -4.11 24.87 15.15
N VAL B 80 -3.57 24.95 13.94
CA VAL B 80 -2.28 24.34 13.64
C VAL B 80 -1.16 25.24 14.14
N ASN B 81 -0.15 24.64 14.78
CA ASN B 81 1.04 25.40 15.19
C ASN B 81 2.27 24.56 14.83
N HIS B 82 2.76 24.71 13.61
CA HIS B 82 3.93 23.96 13.15
C HIS B 82 4.81 24.88 12.33
N LYS B 83 6.13 24.69 12.45
CA LYS B 83 7.07 25.61 11.81
C LYS B 83 6.99 25.59 10.30
N ASN B 84 6.50 24.52 9.68
CA ASN B 84 6.43 24.44 8.22
C ASN B 84 5.02 24.64 7.68
N ILE B 85 4.13 25.20 8.50
N ILE B 85 4.13 25.21 8.50
CA ILE B 85 2.79 25.58 8.10
CA ILE B 85 2.80 25.59 8.05
C ILE B 85 2.64 27.07 8.43
C ILE B 85 2.61 27.05 8.43
N ILE B 86 2.08 27.85 7.50
CA ILE B 86 1.95 29.28 7.73
C ILE B 86 1.03 29.54 8.92
N SER B 87 1.41 30.50 9.76
CA SER B 87 0.67 30.77 10.97
C SER B 87 0.00 32.13 10.91
N LEU B 88 -1.11 32.25 11.62
CA LEU B 88 -1.85 33.49 11.75
C LEU B 88 -1.22 34.32 12.87
N LEU B 89 -0.76 35.53 12.54
CA LEU B 89 -0.31 36.47 13.56
C LEU B 89 -1.45 37.28 14.14
N ASN B 90 -2.47 37.55 13.32
CA ASN B 90 -3.62 38.34 13.75
C ASN B 90 -4.76 38.08 12.79
N VAL B 91 -5.97 38.32 13.26
CA VAL B 91 -7.15 38.33 12.41
C VAL B 91 -8.08 39.41 12.95
N PHE B 92 -8.61 40.25 12.07
CA PHE B 92 -9.48 41.31 12.53
C PHE B 92 -10.51 41.63 11.45
N THR B 93 -11.59 42.27 11.90
CA THR B 93 -12.49 42.94 10.99
C THR B 93 -12.63 44.40 11.41
N PRO B 94 -12.62 45.32 10.46
CA PRO B 94 -12.87 46.73 10.79
C PRO B 94 -14.31 47.08 11.07
N GLN B 95 -15.23 46.11 11.10
CA GLN B 95 -16.64 46.38 11.37
C GLN B 95 -16.98 45.94 12.80
N LYS B 96 -17.95 46.64 13.39
CA LYS B 96 -18.19 46.55 14.83
C LYS B 96 -19.32 45.60 15.21
N THR B 97 -20.20 45.24 14.27
CA THR B 97 -21.35 44.39 14.55
C THR B 97 -21.43 43.27 13.53
N LEU B 98 -22.11 42.20 13.94
CA LEU B 98 -22.43 41.13 13.01
C LEU B 98 -23.22 41.66 11.82
N GLU B 99 -24.11 42.64 12.05
CA GLU B 99 -24.94 43.15 10.96
C GLU B 99 -24.09 43.82 9.88
N GLU B 100 -23.14 44.66 10.27
CA GLU B 100 -22.32 45.40 9.32
C GLU B 100 -21.13 44.60 8.79
N PHE B 101 -20.95 43.37 9.27
CA PHE B 101 -19.70 42.63 9.05
C PHE B 101 -19.55 42.27 7.58
N GLN B 102 -18.42 42.68 6.98
CA GLN B 102 -18.16 42.27 5.60
C GLN B 102 -16.82 41.63 5.37
N ASP B 103 -15.74 42.17 5.95
CA ASP B 103 -14.40 41.85 5.51
C ASP B 103 -13.57 41.25 6.64
N VAL B 104 -12.71 40.29 6.28
CA VAL B 104 -11.82 39.62 7.20
C VAL B 104 -10.40 39.85 6.71
N TYR B 105 -9.54 40.27 7.61
CA TYR B 105 -8.14 40.49 7.29
C TYR B 105 -7.31 39.45 8.05
N LEU B 106 -6.50 38.69 7.31
CA LEU B 106 -5.56 37.73 7.90
C LEU B 106 -4.17 38.35 7.88
N VAL B 107 -3.47 38.25 9.01
CA VAL B 107 -2.13 38.79 9.15
C VAL B 107 -1.18 37.63 9.41
N MET B 108 -0.17 37.50 8.55
CA MET B 108 0.76 36.39 8.56
C MET B 108 2.18 36.94 8.53
N GLU B 109 3.14 36.09 8.91
CA GLU B 109 4.55 36.39 8.69
C GLU B 109 4.83 36.60 7.21
N LEU B 110 5.57 37.65 6.87
CA LEU B 110 5.90 37.93 5.48
C LEU B 110 7.10 37.08 5.05
N MET B 111 6.87 36.16 4.13
CA MET B 111 7.93 35.34 3.57
C MET B 111 8.54 36.06 2.36
N ASP B 112 9.69 35.57 1.90
CA ASP B 112 10.47 36.31 0.91
C ASP B 112 10.19 35.90 -0.53
N ALA B 113 9.71 34.68 -0.76
CA ALA B 113 9.48 34.19 -2.12
C ALA B 113 8.63 32.94 -2.03
N ASN B 114 8.09 32.49 -3.18
CA ASN B 114 7.47 31.18 -3.23
C ASN B 114 8.40 30.24 -3.98
N LEU B 115 8.00 28.98 -4.09
CA LEU B 115 8.89 28.00 -4.71
C LEU B 115 9.05 28.21 -6.21
N CYS B 116 8.11 28.91 -6.87
CA CYS B 116 8.29 29.23 -8.29
C CYS B 116 9.57 29.99 -8.53
N GLN B 117 9.92 30.89 -7.60
CA GLN B 117 11.19 31.61 -7.71
C GLN B 117 12.38 30.69 -7.39
N VAL B 118 12.27 29.87 -6.35
CA VAL B 118 13.38 29.00 -5.96
C VAL B 118 13.71 28.01 -7.07
N ILE B 119 12.69 27.59 -7.83
CA ILE B 119 12.86 26.54 -8.84
C ILE B 119 13.81 26.98 -9.94
N GLN B 120 13.85 28.28 -10.24
CA GLN B 120 14.82 28.79 -11.20
C GLN B 120 16.25 28.77 -10.66
N MET B 121 16.44 28.70 -9.34
CA MET B 121 17.79 28.73 -8.77
C MET B 121 18.46 27.37 -8.85
N GLU B 122 19.76 27.37 -9.08
CA GLU B 122 20.54 26.15 -8.96
C GLU B 122 20.91 25.97 -7.50
N LEU B 123 20.47 24.87 -6.91
CA LEU B 123 20.67 24.63 -5.48
C LEU B 123 21.73 23.57 -5.23
N ASP B 124 22.42 23.70 -4.09
CA ASP B 124 23.29 22.65 -3.59
C ASP B 124 22.45 21.56 -2.94
N HIS B 125 23.06 20.38 -2.71
CA HIS B 125 22.31 19.27 -2.14
C HIS B 125 21.83 19.57 -0.73
N GLU B 126 22.59 20.36 0.02
CA GLU B 126 22.19 20.66 1.40
C GLU B 126 20.90 21.49 1.45
N ARG B 127 20.84 22.58 0.67
CA ARG B 127 19.61 23.36 0.62
C ARG B 127 18.46 22.58 0.00
N MET B 128 18.72 21.88 -1.11
CA MET B 128 17.62 21.18 -1.78
C MET B 128 17.04 20.11 -0.88
N SER B 129 17.88 19.29 -0.25
CA SER B 129 17.36 18.26 0.66
C SER B 129 16.67 18.87 1.88
N TYR B 130 17.16 20.01 2.37
CA TYR B 130 16.52 20.62 3.52
C TYR B 130 15.14 21.19 3.16
N LEU B 131 15.02 21.80 1.98
CA LEU B 131 13.70 22.26 1.54
C LEU B 131 12.73 21.09 1.43
N LEU B 132 13.19 19.99 0.83
CA LEU B 132 12.30 18.83 0.70
C LEU B 132 11.93 18.26 2.05
N TYR B 133 12.90 18.19 2.98
CA TYR B 133 12.62 17.72 4.33
C TYR B 133 11.52 18.54 4.98
N GLN B 134 11.58 19.87 4.84
CA GLN B 134 10.59 20.76 5.45
C GLN B 134 9.22 20.56 4.83
N MET B 135 9.16 20.39 3.50
N MET B 135 9.16 20.39 3.50
CA MET B 135 7.88 20.11 2.86
CA MET B 135 7.89 20.10 2.85
C MET B 135 7.27 18.83 3.41
C MET B 135 7.27 18.83 3.41
N LEU B 136 8.10 17.79 3.54
CA LEU B 136 7.60 16.51 4.06
C LEU B 136 7.17 16.64 5.51
N CYS B 137 7.89 17.44 6.33
CA CYS B 137 7.44 17.67 7.71
C CYS B 137 6.08 18.36 7.75
N GLY B 138 5.90 19.39 6.93
CA GLY B 138 4.63 20.10 6.92
C GLY B 138 3.50 19.21 6.44
N ILE B 139 3.75 18.43 5.39
CA ILE B 139 2.77 17.47 4.89
C ILE B 139 2.47 16.41 5.94
N LYS B 140 3.50 15.86 6.57
CA LYS B 140 3.26 14.85 7.60
C LYS B 140 2.42 15.42 8.73
N HIS B 141 2.68 16.67 9.12
CA HIS B 141 1.85 17.28 10.15
C HIS B 141 0.40 17.43 9.71
N LEU B 142 0.16 17.87 8.46
CA LEU B 142 -1.21 17.97 7.95
C LEU B 142 -1.89 16.60 7.93
N HIS B 143 -1.16 15.57 7.51
CA HIS B 143 -1.71 14.22 7.45
C HIS B 143 -2.05 13.70 8.84
N SER B 144 -1.26 14.06 9.85
CA SER B 144 -1.54 13.59 11.21
C SER B 144 -2.85 14.18 11.73
N ALA B 145 -3.25 15.34 11.24
CA ALA B 145 -4.55 15.91 11.58
C ALA B 145 -5.68 15.41 10.68
N GLY B 146 -5.42 14.41 9.82
CA GLY B 146 -6.44 13.99 8.87
C GLY B 146 -6.59 14.83 7.62
N ILE B 147 -5.69 15.79 7.38
CA ILE B 147 -5.81 16.70 6.24
C ILE B 147 -4.95 16.18 5.11
N ILE B 148 -5.58 15.76 4.03
CA ILE B 148 -4.85 15.40 2.81
C ILE B 148 -4.96 16.59 1.87
N HIS B 149 -3.83 17.15 1.46
CA HIS B 149 -3.84 18.47 0.84
C HIS B 149 -4.36 18.42 -0.60
N ARG B 150 -3.74 17.60 -1.44
CA ARG B 150 -4.10 17.31 -2.84
C ARG B 150 -3.88 18.47 -3.81
N ASP B 151 -3.41 19.62 -3.37
CA ASP B 151 -3.14 20.71 -4.31
C ASP B 151 -1.84 21.42 -4.02
N LEU B 152 -0.84 20.70 -3.53
CA LEU B 152 0.45 21.33 -3.30
C LEU B 152 1.06 21.75 -4.63
N LYS B 153 1.60 22.96 -4.67
CA LYS B 153 2.21 23.49 -5.87
C LYS B 153 3.22 24.55 -5.48
N PRO B 154 4.16 24.89 -6.37
CA PRO B 154 5.21 25.87 -6.00
C PRO B 154 4.66 27.20 -5.56
N SER B 155 3.51 27.62 -6.10
CA SER B 155 3.00 28.92 -5.76
C SER B 155 2.38 28.99 -4.35
N ASN B 156 2.00 27.86 -3.74
CA ASN B 156 1.45 27.91 -2.38
C ASN B 156 2.43 27.33 -1.35
N ILE B 157 3.73 27.38 -1.65
CA ILE B 157 4.79 27.02 -0.71
C ILE B 157 5.77 28.19 -0.71
N VAL B 158 6.02 28.75 0.46
CA VAL B 158 6.78 29.99 0.55
C VAL B 158 8.04 29.72 1.37
N VAL B 159 9.06 30.54 1.12
CA VAL B 159 10.35 30.36 1.79
C VAL B 159 10.86 31.71 2.26
N LYS B 160 11.70 31.66 3.29
CA LYS B 160 12.41 32.82 3.79
C LYS B 160 13.88 32.72 3.39
N SER B 161 14.61 33.80 3.65
CA SER B 161 16.01 33.86 3.23
C SER B 161 16.88 32.87 4.00
N ASP B 162 16.49 32.51 5.23
CA ASP B 162 17.27 31.53 5.98
C ASP B 162 16.98 30.08 5.56
N CYS B 163 16.29 29.88 4.42
CA CYS B 163 15.84 28.60 3.86
C CYS B 163 14.68 27.97 4.61
N THR B 164 14.08 28.66 5.57
CA THR B 164 12.85 28.20 6.19
C THR B 164 11.74 28.12 5.15
N LEU B 165 10.89 27.10 5.26
CA LEU B 165 9.83 26.83 4.31
C LEU B 165 8.52 26.59 5.03
N LYS B 166 7.43 27.11 4.48
CA LYS B 166 6.10 26.91 5.04
C LYS B 166 5.10 26.64 3.92
N ILE B 167 4.23 25.67 4.14
CA ILE B 167 3.05 25.50 3.29
C ILE B 167 2.05 26.59 3.59
N LEU B 168 1.50 27.22 2.55
CA LEU B 168 0.65 28.41 2.68
C LEU B 168 -0.83 28.09 2.89
N ASP B 169 -1.33 26.95 2.42
CA ASP B 169 -2.77 26.72 2.46
C ASP B 169 -3.05 25.27 2.82
N PHE B 170 -4.31 24.96 3.04
CA PHE B 170 -4.66 23.64 3.52
C PHE B 170 -5.33 22.77 2.46
N GLY B 171 -5.28 23.19 1.20
CA GLY B 171 -5.77 22.40 0.10
C GLY B 171 -7.28 22.43 0.02
N LEU B 172 -7.79 21.50 -0.78
CA LEU B 172 -9.21 21.11 -0.80
C LEU B 172 -9.29 19.93 -1.76
N THR B 188 -3.79 26.19 -11.78
CA THR B 188 -2.69 25.34 -12.22
C THR B 188 -2.89 23.91 -11.74
N ARG B 189 -2.80 22.95 -12.67
CA ARG B 189 -3.02 21.56 -12.35
C ARG B 189 -1.82 20.67 -12.63
N TYR B 190 -0.64 21.26 -12.87
CA TYR B 190 0.54 20.48 -13.28
C TYR B 190 1.07 19.56 -12.18
N TYR B 191 0.55 19.67 -10.94
CA TYR B 191 1.07 18.99 -9.76
C TYR B 191 0.07 18.02 -9.14
N ARG B 192 -1.10 17.85 -9.73
CA ARG B 192 -2.12 16.97 -9.20
C ARG B 192 -1.80 15.52 -9.52
N ALA B 193 -2.08 14.64 -8.56
CA ALA B 193 -1.72 13.25 -8.71
C ALA B 193 -2.60 12.55 -9.75
N PRO B 194 -2.05 11.57 -10.47
CA PRO B 194 -2.85 10.82 -11.46
C PRO B 194 -4.14 10.23 -10.90
N GLU B 195 -4.14 9.72 -9.67
CA GLU B 195 -5.36 9.13 -9.13
C GLU B 195 -6.42 10.18 -8.81
N VAL B 196 -6.02 11.45 -8.64
CA VAL B 196 -7.01 12.53 -8.57
C VAL B 196 -7.45 12.93 -9.98
N ILE B 197 -6.52 13.00 -10.93
CA ILE B 197 -6.90 13.30 -12.31
C ILE B 197 -7.85 12.23 -12.84
N LEU B 198 -7.50 10.97 -12.69
CA LEU B 198 -8.30 9.90 -13.26
C LEU B 198 -9.45 9.47 -12.36
N GLY B 199 -9.60 10.07 -11.19
CA GLY B 199 -10.73 9.77 -10.30
C GLY B 199 -10.76 8.39 -9.70
N MET B 200 -9.63 7.89 -9.21
CA MET B 200 -9.53 6.53 -8.72
C MET B 200 -9.70 6.42 -7.21
N GLY B 201 -9.90 7.51 -6.49
CA GLY B 201 -9.75 7.50 -5.06
C GLY B 201 -8.27 7.53 -4.71
N TYR B 202 -7.98 7.79 -3.43
CA TYR B 202 -6.60 8.11 -3.09
C TYR B 202 -6.36 7.83 -1.61
N LYS B 203 -5.07 7.80 -1.24
CA LYS B 203 -4.66 7.74 0.16
C LYS B 203 -3.68 8.89 0.38
N GLU B 204 -3.01 8.91 1.54
CA GLU B 204 -2.22 10.07 1.89
C GLU B 204 -1.05 10.32 0.92
N ASN B 205 -0.51 9.28 0.24
CA ASN B 205 0.65 9.55 -0.63
C ASN B 205 0.28 10.18 -1.96
N VAL B 206 -0.99 10.60 -2.10
CA VAL B 206 -1.36 11.50 -3.17
C VAL B 206 -0.51 12.77 -3.10
N ASP B 207 -0.13 13.20 -1.88
CA ASP B 207 0.68 14.40 -1.74
C ASP B 207 2.14 14.15 -2.10
N ILE B 208 2.58 12.90 -2.11
CA ILE B 208 3.96 12.59 -2.51
C ILE B 208 4.18 12.86 -4.00
N TRP B 209 3.18 12.57 -4.83
CA TRP B 209 3.29 12.86 -6.25
C TRP B 209 3.60 14.34 -6.47
N SER B 210 2.87 15.20 -5.77
CA SER B 210 3.10 16.64 -5.90
C SER B 210 4.53 17.03 -5.47
N VAL B 211 5.03 16.42 -4.38
CA VAL B 211 6.43 16.67 -3.96
C VAL B 211 7.39 16.22 -5.05
N GLY B 212 7.12 15.04 -5.64
CA GLY B 212 7.96 14.57 -6.72
C GLY B 212 7.98 15.51 -7.92
N CYS B 213 6.80 16.06 -8.28
CA CYS B 213 6.76 17.05 -9.36
C CYS B 213 7.55 18.29 -9.00
N ILE B 214 7.43 18.74 -7.75
CA ILE B 214 8.10 19.95 -7.32
C ILE B 214 9.60 19.71 -7.29
N MET B 215 10.02 18.56 -6.76
CA MET B 215 11.44 18.23 -6.71
C MET B 215 12.04 18.06 -8.10
N GLY B 216 11.33 17.39 -9.02
CA GLY B 216 11.84 17.28 -10.38
C GLY B 216 11.97 18.64 -11.04
N GLU B 217 11.03 19.54 -10.75
CA GLU B 217 11.15 20.89 -11.29
C GLU B 217 12.29 21.66 -10.64
N MET B 218 12.61 21.37 -9.38
CA MET B 218 13.77 22.03 -8.75
C MET B 218 15.07 21.60 -9.40
N VAL B 219 15.12 20.37 -9.93
CA VAL B 219 16.31 19.88 -10.60
C VAL B 219 16.35 20.36 -12.04
N ARG B 220 15.24 20.25 -12.76
CA ARG B 220 15.27 20.58 -14.19
C ARG B 220 15.07 22.06 -14.46
N HIS B 221 14.52 22.80 -13.49
CA HIS B 221 14.21 24.24 -13.58
C HIS B 221 13.11 24.51 -14.60
N LYS B 222 12.33 23.50 -14.93
CA LYS B 222 11.20 23.60 -15.85
C LYS B 222 10.11 22.66 -15.37
N ILE B 223 8.86 23.02 -15.67
CA ILE B 223 7.71 22.22 -15.25
C ILE B 223 7.77 20.84 -15.88
N LEU B 224 7.59 19.80 -15.06
CA LEU B 224 7.72 18.43 -15.59
C LEU B 224 6.60 18.09 -16.56
N PHE B 225 5.36 18.42 -16.21
CA PHE B 225 4.18 17.94 -16.94
C PHE B 225 3.29 19.12 -17.29
N PRO B 226 3.67 19.91 -18.30
CA PRO B 226 3.02 21.20 -18.58
C PRO B 226 1.84 21.12 -19.56
N GLY B 227 0.81 20.36 -19.22
CA GLY B 227 -0.34 20.24 -20.13
C GLY B 227 -1.22 21.49 -20.15
N ARG B 228 -1.66 21.87 -21.36
CA ARG B 228 -2.67 22.90 -21.51
C ARG B 228 -4.02 22.46 -20.95
N ASP B 229 -4.20 21.16 -20.76
CA ASP B 229 -5.35 20.57 -20.10
C ASP B 229 -4.90 19.21 -19.59
N TYR B 230 -5.81 18.49 -18.94
CA TYR B 230 -5.46 17.22 -18.31
C TYR B 230 -5.08 16.17 -19.35
N ILE B 231 -5.75 16.19 -20.50
CA ILE B 231 -5.44 15.21 -21.55
C ILE B 231 -4.03 15.43 -22.06
N ASP B 232 -3.69 16.69 -22.31
CA ASP B 232 -2.32 17.04 -22.65
C ASP B 232 -1.36 16.66 -21.52
N GLN B 233 -1.77 16.87 -20.28
CA GLN B 233 -0.92 16.56 -19.13
C GLN B 233 -0.68 15.07 -19.02
N TRP B 234 -1.73 14.26 -19.19
CA TRP B 234 -1.53 12.80 -19.14
C TRP B 234 -0.55 12.35 -20.22
N ASN B 235 -0.60 12.97 -21.40
CA ASN B 235 0.38 12.63 -22.43
C ASN B 235 1.82 12.90 -21.96
N LYS B 236 2.06 14.05 -21.30
CA LYS B 236 3.41 14.36 -20.79
C LYS B 236 3.86 13.35 -19.76
N VAL B 237 2.93 12.91 -18.91
CA VAL B 237 3.26 11.96 -17.86
C VAL B 237 3.71 10.63 -18.46
N ILE B 238 2.91 10.07 -19.40
CA ILE B 238 3.25 8.74 -19.92
C ILE B 238 4.45 8.79 -20.87
N GLU B 239 4.65 9.91 -21.58
CA GLU B 239 5.81 10.05 -22.45
C GLU B 239 7.12 9.97 -21.66
N GLN B 240 7.12 10.51 -20.45
CA GLN B 240 8.34 10.53 -19.68
C GLN B 240 8.43 9.36 -18.72
N LEU B 241 7.35 9.00 -18.05
CA LEU B 241 7.40 7.92 -17.06
C LEU B 241 7.01 6.56 -17.60
N GLY B 242 6.38 6.50 -18.76
CA GLY B 242 5.93 5.24 -19.30
C GLY B 242 4.46 4.97 -19.00
N THR B 243 3.86 4.14 -19.87
CA THR B 243 2.47 3.72 -19.67
C THR B 243 2.35 2.90 -18.40
N PRO B 244 1.35 3.15 -17.56
CA PRO B 244 1.21 2.36 -16.32
C PRO B 244 0.87 0.90 -16.60
N CYS B 245 1.16 0.08 -15.59
N CYS B 245 1.17 0.08 -15.60
CA CYS B 245 0.92 -1.35 -15.62
CA CYS B 245 0.95 -1.35 -15.70
C CYS B 245 -0.57 -1.66 -15.70
C CYS B 245 -0.56 -1.67 -15.69
N PRO B 246 -0.94 -2.86 -16.15
CA PRO B 246 -2.36 -3.27 -16.06
C PRO B 246 -2.93 -3.31 -14.64
N GLU B 247 -2.10 -3.55 -13.62
CA GLU B 247 -2.58 -3.48 -12.25
C GLU B 247 -3.17 -2.11 -11.97
N PHE B 248 -2.55 -1.06 -12.51
CA PHE B 248 -3.11 0.28 -12.45
C PHE B 248 -4.36 0.40 -13.31
N MET B 249 -4.31 -0.14 -14.54
CA MET B 249 -5.40 0.04 -15.50
C MET B 249 -6.71 -0.56 -14.99
N LYS B 250 -6.61 -1.59 -14.15
CA LYS B 250 -7.79 -2.30 -13.64
C LYS B 250 -8.60 -1.43 -12.69
N LYS B 251 -7.94 -0.63 -11.85
CA LYS B 251 -8.68 0.20 -10.90
C LYS B 251 -9.35 1.40 -11.57
N LEU B 252 -9.13 1.61 -12.86
CA LEU B 252 -9.76 2.72 -13.56
C LEU B 252 -11.22 2.40 -13.84
N GLN B 253 -12.09 3.38 -13.62
CA GLN B 253 -13.47 3.22 -14.02
C GLN B 253 -13.54 3.06 -15.54
N PRO B 254 -14.52 2.29 -16.05
CA PRO B 254 -14.42 1.80 -17.44
C PRO B 254 -14.26 2.89 -18.51
N THR B 255 -14.88 4.05 -18.33
CA THR B 255 -14.78 5.10 -19.34
C THR B 255 -13.41 5.77 -19.34
N VAL B 256 -12.81 5.94 -18.16
CA VAL B 256 -11.43 6.41 -18.09
C VAL B 256 -10.48 5.34 -18.59
N ARG B 257 -10.74 4.08 -18.22
CA ARG B 257 -9.88 2.98 -18.62
C ARG B 257 -9.78 2.86 -20.13
N ASN B 258 -10.92 3.01 -20.83
N ASN B 258 -10.90 3.03 -20.83
CA ASN B 258 -10.95 2.92 -22.29
CA ASN B 258 -10.91 2.88 -22.28
C ASN B 258 -10.00 3.92 -22.93
C ASN B 258 -10.02 3.93 -22.95
N TYR B 259 -10.07 5.17 -22.49
CA TYR B 259 -9.19 6.19 -23.05
C TYR B 259 -7.72 5.90 -22.73
N VAL B 260 -7.44 5.62 -21.46
CA VAL B 260 -6.06 5.42 -21.01
C VAL B 260 -5.43 4.20 -21.67
N GLU B 261 -6.19 3.12 -21.79
CA GLU B 261 -5.66 1.94 -22.46
C GLU B 261 -5.51 2.15 -23.96
N ASN B 262 -6.25 3.10 -24.54
CA ASN B 262 -6.15 3.37 -25.98
C ASN B 262 -4.94 4.22 -26.34
N ARG B 263 -4.25 4.79 -25.37
CA ARG B 263 -3.10 5.62 -25.65
C ARG B 263 -1.97 4.75 -26.22
N PRO B 264 -1.09 5.33 -27.02
CA PRO B 264 0.10 4.60 -27.44
C PRO B 264 0.93 4.17 -26.23
N LYS B 265 1.51 2.97 -26.29
CA LYS B 265 2.24 2.44 -25.17
C LYS B 265 3.65 3.03 -25.19
N TYR B 266 3.97 3.84 -24.18
CA TYR B 266 5.31 4.42 -24.04
C TYR B 266 6.10 3.62 -23.02
N ALA B 267 7.41 3.48 -23.23
CA ALA B 267 8.21 2.78 -22.22
C ALA B 267 8.65 3.70 -21.08
N GLY B 268 8.90 4.97 -21.33
CA GLY B 268 9.41 5.69 -20.17
C GLY B 268 10.91 5.85 -20.22
N LEU B 269 11.40 7.05 -19.96
CA LEU B 269 12.74 7.41 -20.37
C LEU B 269 13.83 6.88 -19.44
N THR B 270 13.47 6.48 -18.20
CA THR B 270 14.29 6.16 -17.03
C THR B 270 14.81 7.42 -16.33
N PHE B 271 14.99 7.34 -15.03
CA PHE B 271 15.36 8.52 -14.28
C PHE B 271 16.79 9.03 -14.55
N PRO B 272 17.79 8.19 -14.90
CA PRO B 272 19.09 8.78 -15.30
C PRO B 272 19.00 9.59 -16.59
N LYS B 273 18.05 9.30 -17.47
CA LYS B 273 17.82 10.15 -18.64
C LYS B 273 17.02 11.39 -18.29
N LEU B 274 15.96 11.23 -17.48
CA LEU B 274 15.15 12.38 -17.03
C LEU B 274 15.96 13.33 -16.16
N PHE B 275 16.85 12.79 -15.31
CA PHE B 275 17.55 13.60 -14.32
C PHE B 275 19.04 13.24 -14.33
N PRO B 276 19.77 13.58 -15.39
CA PRO B 276 21.18 13.18 -15.48
C PRO B 276 22.03 13.92 -14.46
N ASP B 277 23.21 13.34 -14.19
CA ASP B 277 24.13 13.92 -13.20
C ASP B 277 24.51 15.36 -13.53
N SER B 278 24.51 15.73 -14.81
CA SER B 278 24.86 17.10 -15.21
C SER B 278 23.91 18.15 -14.66
N LEU B 279 22.69 17.76 -14.26
CA LEU B 279 21.76 18.68 -13.62
C LEU B 279 21.96 18.82 -12.12
N PHE B 280 22.86 18.04 -11.52
CA PHE B 280 23.12 18.06 -10.08
C PHE B 280 24.53 18.57 -9.82
N PRO B 281 24.81 19.10 -8.63
CA PRO B 281 26.22 19.19 -8.20
C PRO B 281 26.75 17.77 -8.20
N ALA B 282 27.77 17.53 -9.02
CA ALA B 282 28.30 16.18 -9.15
C ALA B 282 29.81 16.19 -9.37
N ASP B 283 30.53 17.02 -8.63
CA ASP B 283 31.97 17.16 -8.81
C ASP B 283 32.78 16.25 -7.88
N SER B 284 32.43 16.22 -6.61
CA SER B 284 33.11 15.40 -5.61
C SER B 284 32.50 14.01 -5.55
N GLU B 285 33.18 13.10 -4.84
CA GLU B 285 32.57 11.80 -4.57
C GLU B 285 31.32 11.95 -3.71
N HIS B 286 31.32 12.89 -2.77
CA HIS B 286 30.11 13.13 -1.99
C HIS B 286 28.97 13.65 -2.85
N ASN B 287 29.23 14.58 -3.77
CA ASN B 287 28.16 15.13 -4.60
C ASN B 287 27.61 14.09 -5.58
N LYS B 288 28.46 13.20 -6.10
CA LYS B 288 27.99 12.13 -6.96
C LYS B 288 27.08 11.17 -6.22
N LEU B 289 27.46 10.79 -4.99
CA LEU B 289 26.59 9.98 -4.16
C LEU B 289 25.24 10.67 -3.93
N LYS B 290 25.27 11.96 -3.60
CA LYS B 290 24.04 12.70 -3.35
C LYS B 290 23.17 12.79 -4.60
N ALA B 291 23.79 12.93 -5.78
CA ALA B 291 23.02 12.93 -7.02
C ALA B 291 22.31 11.60 -7.22
N SER B 292 22.98 10.47 -6.95
CA SER B 292 22.31 9.18 -7.09
C SER B 292 21.19 9.03 -6.06
N GLN B 293 21.39 9.55 -4.85
CA GLN B 293 20.33 9.51 -3.83
C GLN B 293 19.13 10.36 -4.23
N ALA B 294 19.37 11.58 -4.72
CA ALA B 294 18.26 12.44 -5.15
C ALA B 294 17.44 11.78 -6.25
N ARG B 295 18.12 11.20 -7.24
CA ARG B 295 17.45 10.52 -8.33
C ARG B 295 16.70 9.30 -7.83
N ASP B 296 17.29 8.57 -6.87
CA ASP B 296 16.58 7.45 -6.28
C ASP B 296 15.29 7.92 -5.60
N LEU B 297 15.33 9.02 -4.84
CA LEU B 297 14.12 9.52 -4.20
C LEU B 297 13.11 9.97 -5.25
N LEU B 298 13.58 10.66 -6.28
CA LEU B 298 12.71 11.07 -7.38
C LEU B 298 12.04 9.87 -8.03
N SER B 299 12.78 8.78 -8.22
CA SER B 299 12.22 7.59 -8.87
C SER B 299 11.20 6.87 -7.99
N LYS B 300 11.12 7.22 -6.72
CA LYS B 300 10.15 6.61 -5.82
C LYS B 300 8.96 7.52 -5.54
N MET B 301 9.08 8.82 -5.80
N MET B 301 9.09 8.82 -5.79
CA MET B 301 7.96 9.75 -5.65
CA MET B 301 7.96 9.73 -5.68
C MET B 301 7.22 9.99 -6.96
C MET B 301 7.21 9.87 -6.99
N LEU B 302 7.93 10.05 -8.10
CA LEU B 302 7.30 10.24 -9.42
C LEU B 302 6.88 8.87 -9.98
N VAL B 303 5.87 8.30 -9.32
CA VAL B 303 5.41 6.96 -9.63
C VAL B 303 3.91 7.07 -9.85
N ILE B 304 3.44 6.69 -11.04
CA ILE B 304 2.03 6.86 -11.36
C ILE B 304 1.16 6.01 -10.42
N ASP B 305 1.55 4.77 -10.21
CA ASP B 305 0.76 3.83 -9.40
C ASP B 305 0.95 4.11 -7.92
N PRO B 306 -0.08 4.57 -7.19
CA PRO B 306 0.10 4.86 -5.74
C PRO B 306 0.49 3.66 -4.92
N ALA B 307 0.20 2.43 -5.37
CA ALA B 307 0.66 1.25 -4.62
C ALA B 307 2.18 1.10 -4.64
N LYS B 308 2.86 1.70 -5.62
CA LYS B 308 4.31 1.60 -5.70
C LYS B 308 5.00 2.90 -5.31
N ARG B 309 4.26 3.95 -5.02
CA ARG B 309 4.85 5.26 -4.71
C ARG B 309 5.18 5.34 -3.22
N ILE B 310 6.35 5.91 -2.90
CA ILE B 310 6.79 5.96 -1.50
C ILE B 310 5.82 6.80 -0.64
N SER B 311 5.74 6.47 0.65
CA SER B 311 4.93 7.22 1.60
C SER B 311 5.72 8.43 2.14
N VAL B 312 5.00 9.34 2.81
CA VAL B 312 5.65 10.47 3.47
C VAL B 312 6.64 9.98 4.53
N ASP B 313 6.19 9.02 5.36
CA ASP B 313 7.04 8.53 6.46
C ASP B 313 8.29 7.87 5.93
N ASP B 314 8.19 7.09 4.84
CA ASP B 314 9.37 6.46 4.25
C ASP B 314 10.24 7.46 3.49
N ALA B 315 9.66 8.50 2.88
CA ALA B 315 10.48 9.55 2.27
C ALA B 315 11.35 10.24 3.32
N LEU B 316 10.80 10.44 4.54
CA LEU B 316 11.57 11.05 5.62
C LEU B 316 12.74 10.17 6.07
N GLN B 317 12.66 8.86 5.85
CA GLN B 317 13.73 7.92 6.15
C GLN B 317 14.71 7.73 4.99
N HIS B 318 14.42 8.31 3.83
CA HIS B 318 15.29 8.15 2.67
C HIS B 318 16.63 8.83 2.93
N PRO B 319 17.75 8.24 2.46
CA PRO B 319 19.08 8.83 2.70
C PRO B 319 19.24 10.26 2.23
N TYR B 320 18.56 10.67 1.16
CA TYR B 320 18.66 12.07 0.73
C TYR B 320 18.11 13.03 1.77
N ILE B 321 17.12 12.57 2.56
CA ILE B 321 16.33 13.41 3.45
C ILE B 321 16.75 13.21 4.90
N ASN B 322 17.13 11.98 5.24
CA ASN B 322 17.11 11.61 6.66
C ASN B 322 18.21 12.30 7.46
N VAL B 323 19.19 12.94 6.81
N VAL B 323 19.18 12.94 6.80
CA VAL B 323 20.21 13.67 7.54
CA VAL B 323 20.21 13.69 7.53
C VAL B 323 19.60 14.80 8.37
C VAL B 323 19.58 14.79 8.37
N TRP B 324 18.43 15.33 7.94
CA TRP B 324 17.78 16.41 8.65
C TRP B 324 16.78 15.94 9.68
N TYR B 325 16.53 14.62 9.75
CA TYR B 325 15.49 14.07 10.61
C TYR B 325 15.69 14.45 12.07
N ASP B 326 14.63 14.99 12.68
CA ASP B 326 14.59 15.36 14.11
C ASP B 326 13.18 15.11 14.61
N PRO B 327 12.99 14.36 15.71
CA PRO B 327 11.63 14.07 16.20
C PRO B 327 10.79 15.29 16.54
N ALA B 328 11.40 16.41 16.94
CA ALA B 328 10.64 17.59 17.33
C ALA B 328 9.83 18.16 16.17
N GLU B 329 10.37 18.08 14.95
CA GLU B 329 9.69 18.61 13.79
C GLU B 329 8.87 17.57 13.06
N VAL B 330 9.27 16.30 13.17
CA VAL B 330 8.62 15.23 12.42
C VAL B 330 7.46 14.66 13.22
N GLU B 331 7.60 14.57 14.54
CA GLU B 331 6.65 13.91 15.42
C GLU B 331 6.01 14.88 16.41
N ALA B 332 5.61 16.06 15.93
CA ALA B 332 4.91 17.05 16.75
C ALA B 332 3.52 16.53 17.15
N PRO B 333 2.89 17.15 18.17
CA PRO B 333 1.50 16.79 18.50
C PRO B 333 0.58 16.98 17.31
N PRO B 334 -0.20 15.95 16.95
CA PRO B 334 -1.14 16.10 15.84
C PRO B 334 -2.20 17.13 16.18
N PRO B 335 -2.53 18.02 15.24
CA PRO B 335 -3.65 18.94 15.48
C PRO B 335 -4.95 18.16 15.67
N GLN B 336 -5.79 18.65 16.57
CA GLN B 336 -7.10 18.05 16.82
C GLN B 336 -8.13 18.92 16.10
N ILE B 337 -8.60 18.45 14.96
CA ILE B 337 -9.55 19.20 14.13
C ILE B 337 -10.94 18.57 14.15
N ARG B 345 -20.60 20.26 5.27
CA ARG B 345 -21.91 20.64 5.81
C ARG B 345 -22.41 21.96 5.22
N GLU B 346 -23.65 21.96 4.73
CA GLU B 346 -24.23 23.15 4.10
C GLU B 346 -24.83 24.09 5.15
N HIS B 347 -24.79 25.39 4.84
CA HIS B 347 -25.34 26.41 5.72
C HIS B 347 -25.91 27.54 4.89
N THR B 348 -26.81 28.32 5.49
CA THR B 348 -27.25 29.55 4.84
C THR B 348 -26.16 30.60 4.89
N ILE B 349 -26.32 31.62 4.04
CA ILE B 349 -25.42 32.79 4.06
C ILE B 349 -25.39 33.41 5.45
N GLU B 350 -26.56 33.58 6.09
CA GLU B 350 -26.57 34.16 7.44
C GLU B 350 -25.87 33.25 8.45
N GLU B 351 -26.02 31.93 8.33
CA GLU B 351 -25.29 31.01 9.21
C GLU B 351 -23.78 31.08 8.99
N TRP B 352 -23.35 31.12 7.73
CA TRP B 352 -21.92 31.25 7.44
C TRP B 352 -21.37 32.57 7.95
N LYS B 353 -22.15 33.64 7.79
CA LYS B 353 -21.74 34.96 8.27
C LYS B 353 -21.53 34.97 9.78
N GLU B 354 -22.44 34.36 10.52
CA GLU B 354 -22.30 34.29 11.97
C GLU B 354 -21.14 33.40 12.39
N LEU B 355 -20.93 32.28 11.68
CA LEU B 355 -19.85 31.36 12.01
C LEU B 355 -18.49 32.01 11.84
N ILE B 356 -18.30 32.69 10.71
CA ILE B 356 -17.03 33.32 10.43
C ILE B 356 -16.83 34.51 11.35
N TYR B 357 -17.89 35.27 11.61
CA TYR B 357 -17.79 36.38 12.55
C TYR B 357 -17.40 35.90 13.94
N LYS B 358 -18.00 34.81 14.42
CA LYS B 358 -17.69 34.30 15.75
C LYS B 358 -16.25 33.80 15.83
N GLU B 359 -15.74 33.25 14.73
CA GLU B 359 -14.35 32.82 14.67
C GLU B 359 -13.41 34.02 14.66
N VAL B 360 -13.77 35.08 13.95
CA VAL B 360 -12.95 36.28 13.94
C VAL B 360 -12.95 36.93 15.32
N MET B 361 -14.11 37.03 15.97
CA MET B 361 -14.20 37.74 17.25
C MET B 361 -13.69 36.92 18.44
N ASN B 362 -13.61 35.60 18.34
CA ASN B 362 -13.19 34.79 19.47
C ASN B 362 -12.13 33.77 19.06
C1 SWM C . 3.63 -23.85 -8.41
C1 SWM C . 3.38 -23.94 -8.55
C2 SWM C . 4.86 -24.57 -7.93
C2 SWM C . 4.37 -24.51 -7.58
C3 SWM C . 1.36 -24.38 -9.22
C3 SWM C . 1.09 -24.33 -9.37
C4 SWM C . -0.49 -23.62 -10.47
C4 SWM C . -0.72 -23.51 -10.63
C5 SWM C . -1.51 -22.92 -11.26
C5 SWM C . -1.70 -22.75 -11.42
C6 SWM C . -1.25 -21.67 -11.80
C6 SWM C . -1.39 -21.50 -11.93
C7 SWM C . -2.24 -21.05 -12.53
C7 SWM C . -2.34 -20.83 -12.67
C8 SWM C . -3.69 -22.77 -12.22
C8 SWM C . -3.83 -22.53 -12.45
C9 SWM C . -2.77 -23.47 -11.48
C9 SWM C . -2.96 -23.28 -11.69
F1 SWM C . 5.93 -23.79 -8.05
F1 SWM C . 3.80 -25.38 -6.76
F2 SWM C . 5.09 -25.64 -8.70
F2 SWM C . 4.92 -23.58 -6.82
N1 SWM C . 2.49 -24.61 -8.47
N1 SWM C . 2.18 -24.59 -8.57
N2 SWM C . 0.37 -25.23 -9.19
N2 SWM C . 0.10 -25.17 -9.40
N3 SWM C . -0.71 -24.77 -9.90
N3 SWM C . -0.96 -24.66 -10.11
N4 SWM C . -3.44 -21.57 -12.76
N4 SWM C . -3.55 -21.33 -12.95
O1 SWM C . 3.67 -22.67 -8.71
O1 SWM C . 3.66 -22.97 -9.24
S1 SWM C . 1.11 -23.02 -10.25
S1 SWM C . 0.89 -22.92 -10.34
BR1 SWM C . 4.74 -25.19 -6.07
BR1 SWM C . 5.78 -25.43 -8.58
C1 EDO D . 2.12 -9.52 22.85
O1 EDO D . 2.76 -9.46 21.56
C2 EDO D . 2.38 -8.23 23.63
O2 EDO D . 1.95 -7.10 22.85
C1 EDO E . -17.13 -31.64 -1.17
O1 EDO E . -18.11 -31.26 -0.19
C2 EDO E . -15.87 -32.12 -0.46
O2 EDO E . -14.79 -31.19 -0.70
C1 GOL F . 1.77 -17.78 -11.06
O1 GOL F . 1.40 -18.93 -10.32
C2 GOL F . 0.93 -17.83 -12.38
O2 GOL F . -0.43 -17.95 -12.11
C3 GOL F . 1.25 -16.50 -13.11
O3 GOL F . 2.64 -16.38 -13.12
C1 BME G . -7.60 -8.30 -9.65
C2 BME G . -8.01 -9.66 -9.11
O1 BME G . -8.77 -7.56 -9.97
S2 BME G . -8.78 -9.44 -7.47
C1 PEG H . -13.32 -25.68 -8.40
O1 PEG H . -12.23 -25.28 -7.58
C2 PEG H . -14.09 -26.83 -7.82
O2 PEG H . -15.23 -26.34 -7.11
C3 PEG H . -16.46 -26.52 -7.79
C4 PEG H . -17.59 -26.18 -6.88
O4 PEG H . -17.55 -26.94 -5.67
C1 GOL I . 11.76 -25.15 9.55
O1 GOL I . 12.67 -26.01 8.84
C2 GOL I . 10.34 -25.74 9.36
O2 GOL I . 10.30 -27.06 9.72
C3 GOL I . 9.37 -24.91 10.25
O3 GOL I . 9.98 -24.81 11.50
C1 EDO J . -11.94 7.39 -2.23
O1 EDO J . -10.59 7.60 -1.75
C2 EDO J . -12.93 8.40 -1.63
O2 EDO J . -12.74 9.70 -2.21
C1 EDO K . -6.60 -40.07 -20.01
O1 EDO K . -5.28 -40.07 -19.46
C2 EDO K . -7.23 -38.71 -19.79
O2 EDO K . -7.72 -38.17 -21.02
C1 PEG L . -17.46 -3.91 0.63
O1 PEG L . -16.29 -3.94 1.46
C2 PEG L . -17.95 -5.30 0.33
O2 PEG L . -19.20 -5.23 -0.38
C3 PEG L . -19.80 -6.51 -0.54
C4 PEG L . -20.81 -6.47 -1.65
O4 PEG L . -20.19 -6.23 -2.91
C1 GOL M . -6.56 -5.86 -2.87
O1 GOL M . -6.92 -4.52 -2.80
C2 GOL M . -5.25 -5.84 -3.53
O2 GOL M . -4.40 -6.80 -2.98
C3 GOL M . -5.65 -6.10 -5.00
O3 GOL M . -6.79 -5.28 -5.29
C1 C15 N . 5.53 -30.69 17.87
C2 C15 N . 6.91 -30.90 18.45
C3 C15 N . 7.06 -30.22 19.82
C5 C15 N . 13.97 -17.85 17.18
C6 C15 N . 13.92 -19.18 16.47
C7 C15 N . 13.91 -20.38 17.42
C8 C15 N . 13.79 -21.74 16.74
N1 C15 N . 8.38 -30.52 20.50
C1N C15 N . 8.52 -29.69 21.74
C2N C15 N . 8.34 -31.96 20.86
C9 C15 N . 13.46 -22.82 17.74
C10 C15 N . 13.54 -24.26 17.25
C11 C15 N . 12.71 -25.16 18.16
C12 C15 N . 12.82 -26.67 17.92
C13 C15 N . 11.46 -27.34 17.93
C14 C15 N . 11.33 -28.65 18.71
C15 C15 N . 9.97 -28.81 19.40
C16 C15 N . 9.56 -30.26 19.59
S1 C15 N . 5.60 -29.50 16.53
O1S C15 N . 6.67 -29.94 15.60
O2S C15 N . 5.91 -28.22 17.18
O3S C15 N . 4.25 -29.54 15.91
C1 GOL O . -0.71 9.28 9.47
O1 GOL O . -1.59 8.28 8.96
C2 GOL O . 0.64 9.16 8.68
O2 GOL O . 1.19 7.85 8.79
C3 GOL O . 1.63 10.25 9.23
O3 GOL O . 0.95 11.46 9.51
C1 SWM P . -2.06 35.03 -2.83
C3 SWM P . -1.36 34.72 -0.54
C4 SWM P . 0.44 35.12 0.93
C5 SWM P . 1.75 35.35 1.55
C6 SWM P . 1.98 35.10 2.89
C7 SWM P . 3.24 35.34 3.39
C8 SWM P . 4.04 35.99 1.37
C9 SWM P . 2.82 35.81 0.77
N1 SWM P . -2.24 34.51 -1.58
N2 SWM P . -1.59 34.23 0.65
N3 SWM P . -0.55 34.52 1.51
N4 SWM P . 4.26 35.78 2.66
S1 SWM P . 0.09 35.64 -0.69
C1 EDO Q . 0.94 21.09 17.27
O1 EDO Q . 1.33 22.38 17.75
C2 EDO Q . -0.41 21.21 16.56
O2 EDO Q . -0.27 22.00 15.35
C1 EDO R . 21.77 15.64 2.36
O1 EDO R . 20.89 14.94 1.49
C2 EDO R . 22.49 16.80 1.69
O2 EDO R . 23.54 17.20 2.59
C1 GOL S . 4.24 0.84 -0.77
O1 GOL S . 5.63 0.66 -0.52
C2 GOL S . 3.92 2.35 -0.57
O2 GOL S . 3.95 2.77 0.78
C3 GOL S . 2.52 2.61 -1.27
O3 GOL S . 1.56 1.84 -0.62
C1 GOL T . -4.87 23.53 -16.32
O1 GOL T . -4.28 24.29 -17.34
C2 GOL T . -4.84 22.06 -16.81
O2 GOL T . -5.83 21.28 -16.23
C3 GOL T . -3.40 21.57 -16.53
O3 GOL T . -2.97 20.77 -17.62
C1 GOL U . -8.35 13.63 15.66
O1 GOL U . -8.81 14.91 16.01
C2 GOL U . -7.61 13.70 14.28
O2 GOL U . -6.23 13.83 14.42
C3 GOL U . -8.26 14.89 13.52
O3 GOL U . -7.68 16.08 14.03
C1 GOL V . 4.28 34.91 -3.40
O1 GOL V . 5.07 35.64 -2.46
C2 GOL V . 2.88 34.68 -2.78
O2 GOL V . 1.86 35.38 -3.43
C3 GOL V . 2.66 33.13 -2.83
O3 GOL V . 2.54 32.76 -4.17
C1 C15 W . 12.83 39.80 -0.84
C3 C15 W . 15.82 37.42 -1.73
N1 C15 W . 15.01 36.49 -2.59
C1N C15 W . 13.88 37.24 -3.20
C2N C15 W . 15.91 36.00 -3.68
C10 C15 W . 15.54 28.66 -0.34
C11 C15 W . 16.42 29.65 -1.08
C12 C15 W . 15.67 30.94 -1.45
C13 C15 W . 15.45 31.86 -0.27
C14 C15 W . 14.70 33.15 -0.58
C15 C15 W . 15.41 34.15 -1.51
C16 C15 W . 14.50 35.35 -1.74
S1 C15 W . 11.24 40.61 -0.58
O1S C15 W . 10.64 40.70 -1.93
O2S C15 W . 11.54 41.93 0.01
O3S C15 W . 10.51 39.73 0.34
C3 C15 X . -15.15 12.32 -17.64
N1 C15 X . -14.88 11.23 -18.66
C1N C15 X . -15.43 9.93 -18.19
C2N C15 X . -15.59 11.62 -19.91
C9 C15 X . -6.46 12.23 -18.19
C10 C15 X . -7.22 11.13 -18.90
C11 C15 X . -8.69 11.07 -18.49
C12 C15 X . -9.65 10.90 -19.66
C13 C15 X . -10.80 9.95 -19.32
C14 C15 X . -11.87 9.82 -20.40
C15 C15 X . -12.93 10.91 -20.36
C16 C15 X . -13.39 11.12 -18.92
CL CL Y . 1.90 8.93 2.87
#